data_6ZKW
#
_entry.id   6ZKW
#
_cell.length_a   71.140
_cell.length_b   108.670
_cell.length_c   119.940
_cell.angle_alpha   90.00
_cell.angle_beta   90.00
_cell.angle_gamma   90.00
#
_symmetry.space_group_name_H-M   'P 21 21 21'
#
loop_
_entity.id
_entity.type
_entity.pdbx_description
1 polymer 'HLA class I histocompatibility antigen, alpha chain E'
2 polymer Beta-2-microglobulin
3 polymer 'Enoyl-[acyl-carrier-protein] reductase [NADH]'
4 polymer 'T-cell receptor alpha chain'
5 polymer 'T-cell receptor beta chain'
6 water water
#
loop_
_entity_poly.entity_id
_entity_poly.type
_entity_poly.pdbx_seq_one_letter_code
_entity_poly.pdbx_strand_id
1 'polypeptide(L)'
;GSHSLKYFHTSVSRPGRGEPRFISVGYVDDTQFVRFDNDAASPRMVPRAPWMEQEGSEYWDRETRSARDTAQIFRVNLRT
LRGYYNQSEAGSHTLQWMHGCELGPDGRFLRGYEQFAYDGKDYLTLNEDLRSWTAVDTAAQISEQKSNDASEAEHQRAYL
EDTCVEWLHKYLEKGKETLLHLEPPKTHVTHHPISDHEATLRCWALGFYPAEITLTWQQDGEGHTQDTELVETRPAGDGT
FQKWAAVVVPSGEEQRYTCHVQHEGLPEPVTLRWKP
;
A
2 'polypeptide(L)'
;MIQRTPKIQVYSRHPAENGKSNFLNCYVSGFHPSDIEVDLLKNGERIEKVEHSDLSFSKDWSFYLLYYTEFTPTEKDEYA
CRVNHVTLSQPKIVKWDRDM
;
B
3 'polypeptide(L)' RLPAKAPLL C
4 'polypeptide(L)'
;MAQEVTQIPAALSVPEGENLVLNCSFTDSAIYNLQWFRQDPGKGLTSLLLIQSSQREQTSGRLNASLDKSSGRSTLYIAA
SQPGDSATYLCAVTNQAGTALIFGKGTTLSVSSNIQNPDPAVYQLRDSKSSDKSVCLFTDFDSQTNVSQSKDSDVYITDK
CVLDMRSMDFKSNSAVAWSNKSDFACANAFNNSIIPEDT
;
D
5 'polypeptide(L)'
;NAGVTQTPKFQVLKTGQSMTLQCSQDMNHEYMSWYRQDPGMGLRLIHYSVGAGITDQGEVPNGYNVSRSTTEDFPLRLLS
AAPSQTSVYFCASSYSIRGSRGEQFFGPGTRLTVLEDLKNVFPPEVAVFEPSEAEISHTQKATLVCLATGFYPDHVELSW
WVNGKEVHSGVCTDPQPLKEQPALNDSRYALSSRLRVSATFWQDPRNHFRCQVQFYGLSENDEWTQDRAKPVTQIVSAEA
WGRAD
;
E
#
# COMPACT_ATOMS: atom_id res chain seq x y z
N SER A 2 25.45 14.52 -22.22
CA SER A 2 25.07 13.51 -21.19
C SER A 2 23.79 13.95 -20.48
N HIS A 3 22.62 13.48 -20.96
CA HIS A 3 21.28 13.82 -20.42
C HIS A 3 20.98 13.00 -19.16
N SER A 4 20.19 13.55 -18.25
CA SER A 4 19.86 12.95 -16.92
C SER A 4 18.40 13.23 -16.54
N LEU A 5 17.76 12.27 -15.87
CA LEU A 5 16.47 12.44 -15.14
C LEU A 5 16.74 12.31 -13.64
N LYS A 6 16.45 13.35 -12.86
CA LYS A 6 16.74 13.42 -11.39
C LYS A 6 15.46 13.78 -10.63
N TYR A 7 15.41 13.42 -9.36
CA TYR A 7 14.37 13.88 -8.39
C TYR A 7 15.05 14.22 -7.07
N PHE A 8 14.66 15.34 -6.48
CA PHE A 8 15.14 15.84 -5.16
C PHE A 8 13.95 15.83 -4.20
N HIS A 9 13.99 14.96 -3.19
CA HIS A 9 12.92 14.76 -2.17
C HIS A 9 13.41 15.33 -0.83
N THR A 10 12.56 16.12 -0.16
CA THR A 10 12.84 16.76 1.15
C THR A 10 11.66 16.53 2.09
N SER A 11 11.91 15.92 3.25
CA SER A 11 10.92 15.71 4.34
C SER A 11 11.45 16.36 5.62
N VAL A 12 10.68 17.30 6.19
CA VAL A 12 11.04 18.07 7.42
C VAL A 12 9.98 17.79 8.48
N SER A 13 10.35 17.10 9.55
CA SER A 13 9.46 16.79 10.71
C SER A 13 9.11 18.10 11.42
N ARG A 14 7.85 18.26 11.83
CA ARG A 14 7.33 19.45 12.55
C ARG A 14 6.53 18.96 13.75
N PRO A 15 7.21 18.48 14.82
CA PRO A 15 6.54 17.84 15.95
C PRO A 15 5.42 18.68 16.57
N GLY A 16 4.26 18.04 16.81
CA GLY A 16 3.05 18.69 17.34
C GLY A 16 2.16 19.21 16.22
N ARG A 17 2.75 19.67 15.12
CA ARG A 17 2.05 20.30 13.97
C ARG A 17 1.77 19.24 12.89
N GLY A 18 1.31 18.05 13.29
CA GLY A 18 0.88 16.96 12.38
C GLY A 18 2.07 16.30 11.69
N GLU A 19 1.85 15.85 10.45
CA GLU A 19 2.84 15.09 9.63
C GLU A 19 3.94 16.03 9.15
N PRO A 20 5.14 15.49 8.81
CA PRO A 20 6.21 16.31 8.23
C PRO A 20 5.82 17.03 6.93
N ARG A 21 6.47 18.16 6.66
CA ARG A 21 6.48 18.81 5.32
C ARG A 21 7.20 17.86 4.37
N PHE A 22 6.69 17.69 3.15
CA PHE A 22 7.28 16.82 2.10
C PHE A 22 7.19 17.51 0.74
N ILE A 23 8.35 17.71 0.09
CA ILE A 23 8.46 18.36 -1.25
C ILE A 23 9.28 17.45 -2.17
N SER A 24 8.72 17.11 -3.32
CA SER A 24 9.37 16.36 -4.42
C SER A 24 9.45 17.27 -5.66
N VAL A 25 10.63 17.38 -6.27
CA VAL A 25 10.85 18.11 -7.55
C VAL A 25 11.64 17.21 -8.52
N GLY A 26 11.17 17.11 -9.77
CA GLY A 26 11.85 16.38 -10.86
C GLY A 26 12.62 17.34 -11.75
N TYR A 27 13.76 16.89 -12.28
CA TYR A 27 14.58 17.62 -13.29
C TYR A 27 14.91 16.70 -14.47
N VAL A 28 14.77 17.22 -15.69
CA VAL A 28 15.52 16.74 -16.89
C VAL A 28 16.67 17.72 -17.10
N ASP A 29 17.91 17.27 -16.86
CA ASP A 29 19.14 18.09 -16.93
C ASP A 29 19.01 19.23 -15.90
N ASP A 30 18.89 20.48 -16.35
CA ASP A 30 18.83 21.69 -15.47
C ASP A 30 17.45 22.37 -15.64
N THR A 31 16.44 21.63 -16.10
CA THR A 31 15.04 22.11 -16.31
C THR A 31 14.09 21.31 -15.42
N GLN A 32 13.54 21.93 -14.38
CA GLN A 32 12.47 21.36 -13.52
C GLN A 32 11.22 21.17 -14.40
N PHE A 33 10.47 20.08 -14.19
CA PHE A 33 9.31 19.72 -15.04
C PHE A 33 8.10 19.22 -14.22
N VAL A 34 8.29 18.67 -13.02
CA VAL A 34 7.16 18.37 -12.08
C VAL A 34 7.53 18.82 -10.66
N ARG A 35 6.55 18.72 -9.75
CA ARG A 35 6.69 19.03 -8.31
C ARG A 35 5.50 18.43 -7.55
N PHE A 36 5.73 18.02 -6.31
CA PHE A 36 4.69 17.61 -5.33
C PHE A 36 4.99 18.30 -4.00
N ASP A 37 4.08 19.14 -3.52
CA ASP A 37 4.19 19.84 -2.21
C ASP A 37 3.08 19.33 -1.29
N ASN A 38 3.46 18.96 -0.07
CA ASN A 38 2.59 18.32 0.95
C ASN A 38 1.53 19.32 1.44
N ASP A 39 1.87 20.61 1.46
CA ASP A 39 1.01 21.71 2.00
C ASP A 39 -0.15 21.98 1.02
N ALA A 40 -1.27 21.29 1.24
CA ALA A 40 -2.57 21.45 0.54
C ALA A 40 -3.55 20.42 1.13
N ALA A 41 -4.86 20.69 1.02
CA ALA A 41 -5.95 19.78 1.47
C ALA A 41 -5.97 18.54 0.56
N SER A 42 -5.73 18.75 -0.74
CA SER A 42 -5.62 17.69 -1.79
C SER A 42 -4.34 17.90 -2.59
N PRO A 43 -3.15 17.58 -2.02
CA PRO A 43 -1.87 17.81 -2.70
C PRO A 43 -1.63 16.77 -3.81
N ARG A 44 -1.24 17.22 -5.01
CA ARG A 44 -1.04 16.38 -6.21
C ARG A 44 0.31 16.68 -6.85
N MET A 45 0.80 15.77 -7.69
CA MET A 45 1.92 16.04 -8.63
C MET A 45 1.34 16.87 -9.78
N VAL A 46 1.89 18.07 -10.00
CA VAL A 46 1.43 19.03 -11.05
C VAL A 46 2.62 19.34 -11.95
N PRO A 47 2.39 19.69 -13.24
CA PRO A 47 3.49 20.03 -14.15
C PRO A 47 4.15 21.37 -13.78
N ARG A 48 5.44 21.52 -14.07
CA ARG A 48 6.23 22.75 -13.79
C ARG A 48 7.10 23.12 -15.00
N ALA A 49 6.84 22.49 -16.15
CA ALA A 49 7.37 22.89 -17.48
C ALA A 49 6.20 22.96 -18.45
N PRO A 50 6.24 23.86 -19.46
CA PRO A 50 5.12 24.02 -20.39
C PRO A 50 4.79 22.73 -21.17
N TRP A 51 5.82 21.95 -21.52
CA TRP A 51 5.73 20.74 -22.39
C TRP A 51 5.10 19.55 -21.65
N MET A 52 4.86 19.67 -20.33
CA MET A 52 4.34 18.56 -19.49
C MET A 52 2.83 18.68 -19.27
N GLU A 53 2.18 19.68 -19.88
CA GLU A 53 0.74 19.98 -19.68
C GLU A 53 -0.13 18.93 -20.39
N GLN A 54 0.38 18.33 -21.47
CA GLN A 54 -0.40 17.47 -22.41
C GLN A 54 -0.71 16.11 -21.77
N GLU A 55 0.09 15.66 -20.79
CA GLU A 55 0.00 14.29 -20.19
C GLU A 55 -1.31 14.15 -19.43
N GLY A 56 -1.80 12.91 -19.28
CA GLY A 56 -3.17 12.58 -18.87
C GLY A 56 -3.30 12.34 -17.37
N SER A 57 -4.54 12.20 -16.90
CA SER A 57 -4.91 11.91 -15.48
C SER A 57 -4.15 10.68 -14.99
N GLU A 58 -4.06 9.64 -15.82
CA GLU A 58 -3.35 8.37 -15.53
C GLU A 58 -1.94 8.69 -15.02
N TYR A 59 -1.22 9.57 -15.72
CA TYR A 59 0.16 10.00 -15.37
C TYR A 59 0.16 10.72 -14.02
N TRP A 60 -0.71 11.73 -13.87
CA TRP A 60 -0.76 12.61 -12.67
C TRP A 60 -1.27 11.81 -11.46
N ASP A 61 -2.29 10.97 -11.63
CA ASP A 61 -2.85 10.09 -10.57
C ASP A 61 -1.74 9.17 -10.05
N ARG A 62 -0.99 8.54 -10.98
CA ARG A 62 0.15 7.64 -10.69
C ARG A 62 1.22 8.43 -9.93
N GLU A 63 1.71 9.53 -10.50
CA GLU A 63 2.81 10.35 -9.94
C GLU A 63 2.41 10.91 -8.57
N THR A 64 1.12 11.25 -8.39
CA THR A 64 0.55 11.72 -7.10
C THR A 64 0.66 10.59 -6.06
N ARG A 65 0.29 9.37 -6.43
CA ARG A 65 0.25 8.19 -5.52
C ARG A 65 1.68 7.82 -5.10
N SER A 66 2.61 7.77 -6.05
CA SER A 66 4.05 7.44 -5.80
C SER A 66 4.65 8.48 -4.85
N ALA A 67 4.31 9.75 -5.04
CA ALA A 67 4.79 10.91 -4.25
C ALA A 67 4.23 10.84 -2.82
N ARG A 68 2.92 10.62 -2.67
CA ARG A 68 2.28 10.61 -1.32
C ARG A 68 2.67 9.33 -0.58
N ASP A 69 2.92 8.24 -1.30
CA ASP A 69 3.45 6.97 -0.71
C ASP A 69 4.88 7.22 -0.18
N THR A 70 5.70 7.99 -0.89
CA THR A 70 7.08 8.35 -0.48
C THR A 70 7.02 9.18 0.81
N ALA A 71 6.21 10.24 0.82
CA ALA A 71 5.97 11.11 2.00
C ALA A 71 5.64 10.25 3.23
N GLN A 72 4.74 9.27 3.08
CA GLN A 72 4.29 8.37 4.19
C GLN A 72 5.51 7.59 4.71
N ILE A 73 6.27 6.95 3.82
CA ILE A 73 7.49 6.16 4.16
C ILE A 73 8.52 7.09 4.82
N PHE A 74 8.65 8.34 4.34
CA PHE A 74 9.64 9.33 4.84
C PHE A 74 9.24 9.81 6.25
N ARG A 75 7.94 9.73 6.59
CA ARG A 75 7.44 10.03 7.95
C ARG A 75 7.90 8.94 8.92
N VAL A 76 7.89 7.68 8.47
CA VAL A 76 8.35 6.51 9.28
C VAL A 76 9.87 6.58 9.40
N ASN A 77 10.55 6.92 8.29
CA ASN A 77 12.04 7.07 8.25
C ASN A 77 12.48 8.12 9.28
N LEU A 78 11.78 9.25 9.37
CA LEU A 78 12.11 10.39 10.28
C LEU A 78 11.92 9.96 11.75
N ARG A 79 10.87 9.18 12.04
CA ARG A 79 10.64 8.57 13.39
C ARG A 79 11.81 7.64 13.71
N THR A 80 12.13 6.75 12.78
CA THR A 80 13.21 5.73 12.91
C THR A 80 14.56 6.41 13.18
N LEU A 81 14.92 7.43 12.38
CA LEU A 81 16.24 8.12 12.48
C LEU A 81 16.35 8.85 13.83
N ARG A 82 15.27 9.47 14.31
CA ARG A 82 15.20 10.11 15.66
C ARG A 82 15.61 9.07 16.71
N GLY A 83 15.07 7.85 16.60
CA GLY A 83 15.37 6.70 17.48
C GLY A 83 16.84 6.31 17.42
N TYR A 84 17.41 6.23 16.22
CA TYR A 84 18.82 5.79 15.98
C TYR A 84 19.79 6.73 16.72
N TYR A 85 19.53 8.04 16.71
CA TYR A 85 20.43 9.09 17.26
C TYR A 85 20.00 9.52 18.66
N ASN A 86 18.91 8.92 19.19
CA ASN A 86 18.38 9.15 20.55
C ASN A 86 18.04 10.64 20.72
N GLN A 87 17.32 11.21 19.75
CA GLN A 87 17.02 12.66 19.67
C GLN A 87 15.63 12.92 20.27
N SER A 88 15.40 14.16 20.71
CA SER A 88 14.12 14.65 21.29
C SER A 88 13.02 14.63 20.22
N GLU A 89 11.81 14.23 20.62
CA GLU A 89 10.59 14.21 19.76
C GLU A 89 10.12 15.65 19.51
N ALA A 90 10.63 16.63 20.27
CA ALA A 90 10.28 18.07 20.17
C ALA A 90 10.97 18.71 18.97
N GLY A 91 12.19 18.28 18.62
CA GLY A 91 13.04 18.89 17.60
C GLY A 91 12.59 18.54 16.18
N SER A 92 12.74 19.48 15.25
CA SER A 92 12.53 19.30 13.78
C SER A 92 13.82 18.75 13.16
N HIS A 93 13.70 17.77 12.25
CA HIS A 93 14.84 17.10 11.56
C HIS A 93 14.51 16.92 10.07
N THR A 94 15.55 16.77 9.24
CA THR A 94 15.48 16.79 7.76
C THR A 94 15.94 15.44 7.20
N LEU A 95 15.13 14.84 6.33
CA LEU A 95 15.50 13.70 5.46
C LEU A 95 15.47 14.17 4.01
N GLN A 96 16.57 13.98 3.28
CA GLN A 96 16.71 14.33 1.84
C GLN A 96 17.00 13.05 1.06
N TRP A 97 16.40 12.91 -0.12
CA TRP A 97 16.58 11.72 -1.01
C TRP A 97 16.83 12.19 -2.45
N MET A 98 17.95 11.76 -3.02
CA MET A 98 18.45 12.20 -4.35
C MET A 98 18.61 10.94 -5.21
N HIS A 99 18.01 10.89 -6.40
CA HIS A 99 18.15 9.75 -7.33
C HIS A 99 18.05 10.24 -8.78
N GLY A 100 18.82 9.62 -9.68
CA GLY A 100 18.84 9.95 -11.12
C GLY A 100 19.54 8.89 -11.96
N CYS A 101 19.25 8.89 -13.26
CA CYS A 101 19.88 8.02 -14.30
C CYS A 101 20.47 8.90 -15.41
N GLU A 102 21.69 8.61 -15.84
CA GLU A 102 22.43 9.37 -16.88
C GLU A 102 22.50 8.55 -18.17
N LEU A 103 22.38 9.23 -19.32
CA LEU A 103 22.60 8.65 -20.68
C LEU A 103 24.01 9.02 -21.15
N GLY A 104 24.69 8.07 -21.80
CA GLY A 104 26.01 8.27 -22.42
C GLY A 104 25.88 8.88 -23.82
N PRO A 105 27.00 9.10 -24.54
CA PRO A 105 26.95 9.65 -25.91
C PRO A 105 26.05 8.86 -26.86
N ASP A 106 26.02 7.52 -26.70
CA ASP A 106 25.21 6.59 -27.54
C ASP A 106 23.71 6.79 -27.29
N GLY A 107 23.34 7.40 -26.16
CA GLY A 107 21.93 7.62 -25.76
C GLY A 107 21.35 6.43 -25.03
N ARG A 108 22.22 5.61 -24.41
CA ARG A 108 21.85 4.44 -23.58
C ARG A 108 22.21 4.73 -22.11
N PHE A 109 21.63 3.95 -21.18
CA PHE A 109 21.96 3.99 -19.74
C PHE A 109 23.47 4.03 -19.56
N LEU A 110 23.98 5.05 -18.85
CA LEU A 110 25.42 5.18 -18.51
C LEU A 110 25.62 4.81 -17.03
N ARG A 111 24.80 5.38 -16.13
CA ARG A 111 24.93 5.15 -14.66
C ARG A 111 23.69 5.66 -13.93
N GLY A 112 23.38 5.03 -12.78
CA GLY A 112 22.36 5.48 -11.82
C GLY A 112 22.97 5.76 -10.46
N TYR A 113 22.32 6.59 -9.64
CA TYR A 113 22.80 6.98 -8.28
C TYR A 113 21.60 7.24 -7.37
N GLU A 114 21.75 6.88 -6.08
CA GLU A 114 20.79 7.20 -5.00
C GLU A 114 21.56 7.50 -3.71
N GLN A 115 21.15 8.56 -3.02
CA GLN A 115 21.70 8.96 -1.70
C GLN A 115 20.57 9.42 -0.79
N PHE A 116 20.65 9.06 0.48
CA PHE A 116 19.90 9.69 1.60
C PHE A 116 20.87 10.56 2.39
N ALA A 117 20.39 11.72 2.87
CA ALA A 117 21.05 12.55 3.90
C ALA A 117 20.08 12.77 5.06
N TYR A 118 20.61 12.86 6.28
CA TYR A 118 19.86 13.22 7.52
C TYR A 118 20.52 14.47 8.12
N ASP A 119 19.72 15.54 8.28
CA ASP A 119 20.15 16.85 8.83
C ASP A 119 21.34 17.36 8.01
N GLY A 120 21.23 17.29 6.68
CA GLY A 120 22.17 17.87 5.70
C GLY A 120 23.54 17.22 5.74
N LYS A 121 23.59 15.92 6.07
CA LYS A 121 24.85 15.11 6.12
C LYS A 121 24.59 13.75 5.47
N ASP A 122 25.50 13.28 4.62
CA ASP A 122 25.47 11.92 4.03
C ASP A 122 25.04 10.93 5.12
N TYR A 123 24.11 10.03 4.82
CA TYR A 123 23.63 8.97 5.74
C TYR A 123 23.85 7.60 5.09
N LEU A 124 23.16 7.34 3.97
CA LEU A 124 23.16 6.05 3.24
C LEU A 124 23.31 6.32 1.73
N THR A 125 24.18 5.57 1.05
CA THR A 125 24.51 5.75 -0.38
C THR A 125 24.39 4.40 -1.11
N LEU A 126 23.62 4.36 -2.21
CA LEU A 126 23.58 3.20 -3.13
C LEU A 126 24.91 3.14 -3.90
N ASN A 127 25.62 2.01 -3.79
CA ASN A 127 26.97 1.83 -4.39
C ASN A 127 26.84 1.76 -5.92
N GLU A 128 27.97 1.87 -6.63
CA GLU A 128 28.06 2.00 -8.12
C GLU A 128 27.33 0.83 -8.79
N ASP A 129 27.46 -0.39 -8.23
CA ASP A 129 26.85 -1.64 -8.74
C ASP A 129 25.32 -1.58 -8.65
N LEU A 130 24.77 -0.76 -7.74
CA LEU A 130 23.31 -0.58 -7.49
C LEU A 130 22.72 -1.84 -6.83
N ARG A 131 23.55 -2.64 -6.13
CA ARG A 131 23.11 -3.88 -5.44
C ARG A 131 23.55 -3.87 -3.96
N SER A 132 24.33 -2.87 -3.54
CA SER A 132 24.84 -2.71 -2.14
C SER A 132 24.80 -1.24 -1.74
N TRP A 133 24.84 -0.96 -0.43
CA TRP A 133 24.81 0.41 0.15
C TRP A 133 26.11 0.70 0.89
N THR A 134 26.38 1.98 1.15
CA THR A 134 27.51 2.48 1.98
C THR A 134 26.93 3.34 3.11
N ALA A 135 26.97 2.82 4.35
CA ALA A 135 26.69 3.58 5.59
C ALA A 135 27.91 4.47 5.88
N VAL A 136 27.70 5.78 6.02
CA VAL A 136 28.77 6.78 6.34
C VAL A 136 28.90 6.87 7.87
N ASP A 137 27.78 6.76 8.58
CA ASP A 137 27.71 6.66 10.05
C ASP A 137 27.48 5.19 10.42
N THR A 138 27.75 4.81 11.68
CA THR A 138 27.43 3.47 12.25
C THR A 138 25.93 3.36 12.54
N ALA A 139 25.20 4.49 12.50
CA ALA A 139 23.73 4.56 12.65
C ALA A 139 23.07 4.08 11.35
N ALA A 140 23.65 4.43 10.21
CA ALA A 140 23.18 4.05 8.85
C ALA A 140 23.40 2.55 8.61
N GLN A 141 24.21 1.90 9.45
CA GLN A 141 24.52 0.44 9.38
C GLN A 141 23.24 -0.37 9.59
N ILE A 142 22.40 0.02 10.55
CA ILE A 142 21.12 -0.67 10.86
C ILE A 142 20.19 -0.55 9.64
N SER A 143 20.27 0.58 8.91
CA SER A 143 19.48 0.84 7.67
C SER A 143 19.99 -0.05 6.52
N GLU A 144 21.32 -0.17 6.37
CA GLU A 144 21.97 -1.02 5.34
C GLU A 144 21.51 -2.48 5.52
N GLN A 145 21.57 -2.99 6.76
CA GLN A 145 21.21 -4.40 7.09
C GLN A 145 19.71 -4.62 6.82
N LYS A 146 18.87 -3.62 7.08
CA LYS A 146 17.40 -3.65 6.85
C LYS A 146 17.12 -3.68 5.34
N SER A 147 17.85 -2.88 4.57
CA SER A 147 17.69 -2.73 3.09
C SER A 147 18.13 -4.02 2.39
N ASN A 148 19.27 -4.58 2.81
CA ASN A 148 19.81 -5.87 2.30
C ASN A 148 18.81 -6.98 2.61
N ASP A 149 18.31 -7.05 3.84
CA ASP A 149 17.26 -8.02 4.28
C ASP A 149 16.04 -7.89 3.35
N ALA A 150 15.66 -6.66 2.99
CA ALA A 150 14.45 -6.33 2.20
C ALA A 150 14.76 -6.31 0.70
N SER A 151 16.05 -6.35 0.32
CA SER A 151 16.53 -6.29 -1.08
C SER A 151 16.00 -5.03 -1.77
N GLU A 152 16.08 -3.89 -1.07
CA GLU A 152 15.62 -2.56 -1.57
C GLU A 152 16.39 -2.21 -2.85
N ALA A 153 17.72 -2.36 -2.83
CA ALA A 153 18.64 -1.95 -3.93
C ALA A 153 18.21 -2.58 -5.25
N GLU A 154 17.52 -3.72 -5.20
CA GLU A 154 17.03 -4.47 -6.39
C GLU A 154 15.95 -3.64 -7.11
N HIS A 155 14.96 -3.13 -6.37
CA HIS A 155 13.80 -2.36 -6.91
C HIS A 155 14.28 -0.98 -7.37
N GLN A 156 15.29 -0.41 -6.71
CA GLN A 156 15.91 0.88 -7.09
C GLN A 156 16.68 0.69 -8.41
N ARG A 157 17.52 -0.35 -8.48
CA ARG A 157 18.34 -0.72 -9.67
C ARG A 157 17.42 -0.82 -10.89
N ALA A 158 16.30 -1.55 -10.75
CA ALA A 158 15.28 -1.78 -11.80
C ALA A 158 14.70 -0.44 -12.29
N TYR A 159 14.44 0.50 -11.38
CA TYR A 159 13.95 1.86 -11.72
C TYR A 159 15.06 2.64 -12.46
N LEU A 160 16.25 2.72 -11.87
CA LEU A 160 17.39 3.53 -12.39
C LEU A 160 17.81 3.04 -13.78
N GLU A 161 18.01 1.72 -13.94
CA GLU A 161 18.48 1.09 -15.20
C GLU A 161 17.36 1.08 -16.25
N ASP A 162 16.11 0.81 -15.85
CA ASP A 162 14.99 0.55 -16.79
C ASP A 162 14.05 1.77 -16.85
N THR A 163 13.15 1.92 -15.86
CA THR A 163 12.02 2.88 -15.89
C THR A 163 12.55 4.30 -16.13
N CYS A 164 13.59 4.69 -15.40
CA CYS A 164 14.23 6.03 -15.45
C CYS A 164 14.69 6.34 -16.88
N VAL A 165 15.37 5.38 -17.52
CA VAL A 165 15.95 5.53 -18.89
C VAL A 165 14.82 5.67 -19.90
N GLU A 166 13.76 4.86 -19.75
CA GLU A 166 12.58 4.82 -20.65
C GLU A 166 11.93 6.21 -20.71
N TRP A 167 11.68 6.81 -19.54
CA TRP A 167 10.90 8.08 -19.40
C TRP A 167 11.78 9.30 -19.68
N LEU A 168 13.08 9.24 -19.39
CA LEU A 168 14.04 10.32 -19.76
C LEU A 168 13.99 10.53 -21.27
N HIS A 169 13.91 9.44 -22.04
CA HIS A 169 13.74 9.46 -23.52
C HIS A 169 12.43 10.17 -23.88
N LYS A 170 11.32 9.80 -23.24
CA LYS A 170 9.96 10.33 -23.50
C LYS A 170 9.93 11.84 -23.22
N TYR A 171 10.52 12.26 -22.10
CA TYR A 171 10.60 13.69 -21.68
C TYR A 171 11.46 14.45 -22.70
N LEU A 172 12.61 13.88 -23.10
CA LEU A 172 13.55 14.49 -24.07
C LEU A 172 12.87 14.67 -25.43
N GLU A 173 11.86 13.85 -25.75
CA GLU A 173 11.06 13.96 -27.00
C GLU A 173 10.01 15.06 -26.82
N LYS A 174 9.13 14.91 -25.81
CA LYS A 174 8.10 15.91 -25.42
C LYS A 174 8.78 17.26 -25.12
N GLY A 175 8.71 18.21 -26.07
CA GLY A 175 9.32 19.54 -25.94
C GLY A 175 10.85 19.46 -25.97
N LYS A 176 11.40 18.82 -27.00
CA LYS A 176 12.85 18.85 -27.34
C LYS A 176 13.25 20.26 -27.77
N GLU A 177 12.30 21.04 -28.29
CA GLU A 177 12.48 22.47 -28.66
C GLU A 177 13.17 23.23 -27.53
N THR A 178 12.84 22.87 -26.28
CA THR A 178 13.32 23.52 -25.03
C THR A 178 14.56 22.80 -24.49
N LEU A 179 14.52 21.46 -24.42
CA LEU A 179 15.47 20.62 -23.65
C LEU A 179 16.77 20.41 -24.44
N LEU A 180 16.69 20.28 -25.77
CA LEU A 180 17.86 19.92 -26.62
C LEU A 180 18.50 21.17 -27.24
N HIS A 181 17.95 22.36 -26.97
CA HIS A 181 18.49 23.65 -27.49
C HIS A 181 19.67 24.09 -26.61
N LEU A 182 20.86 24.22 -27.20
CA LEU A 182 22.06 24.79 -26.54
C LEU A 182 22.03 26.31 -26.69
N GLU A 183 22.05 27.04 -25.58
CA GLU A 183 22.01 28.53 -25.55
C GLU A 183 23.34 29.06 -25.03
N PRO A 184 24.20 29.64 -25.90
CA PRO A 184 25.51 30.14 -25.48
C PRO A 184 25.38 31.33 -24.53
N PRO A 185 26.36 31.55 -23.61
CA PRO A 185 26.37 32.73 -22.77
C PRO A 185 26.75 33.99 -23.58
N LYS A 186 25.98 35.06 -23.41
CA LYS A 186 26.37 36.44 -23.79
C LYS A 186 27.31 36.94 -22.71
N THR A 187 28.56 37.27 -23.09
CA THR A 187 29.69 37.52 -22.16
C THR A 187 30.24 38.92 -22.36
N HIS A 188 30.53 39.62 -21.26
CA HIS A 188 31.18 40.96 -21.21
C HIS A 188 31.95 41.10 -19.88
N VAL A 189 32.93 42.00 -19.85
CA VAL A 189 33.71 42.35 -18.63
C VAL A 189 33.23 43.72 -18.14
N THR A 190 33.02 43.86 -16.83
CA THR A 190 32.72 45.15 -16.14
C THR A 190 33.82 45.43 -15.12
N HIS A 191 33.98 46.71 -14.76
CA HIS A 191 35.10 47.25 -13.94
C HIS A 191 34.52 48.09 -12.80
N HIS A 192 34.95 47.87 -11.56
CA HIS A 192 34.44 48.53 -10.34
C HIS A 192 35.60 48.84 -9.39
N PRO A 193 36.11 50.10 -9.38
CA PRO A 193 37.06 50.54 -8.36
C PRO A 193 36.50 50.33 -6.94
N ILE A 194 37.24 49.63 -6.09
CA ILE A 194 36.87 49.31 -4.67
C ILE A 194 37.68 50.20 -3.71
N SER A 195 38.95 50.47 -4.05
CA SER A 195 39.87 51.34 -3.29
C SER A 195 40.61 52.26 -4.26
N ASP A 196 41.52 53.09 -3.74
CA ASP A 196 42.40 53.98 -4.55
C ASP A 196 43.33 53.13 -5.42
N HIS A 197 43.78 51.98 -4.92
CA HIS A 197 44.91 51.18 -5.46
C HIS A 197 44.44 49.88 -6.13
N GLU A 198 43.15 49.53 -5.99
CA GLU A 198 42.60 48.25 -6.53
C GLU A 198 41.24 48.48 -7.19
N ALA A 199 40.94 47.67 -8.21
CA ALA A 199 39.64 47.62 -8.93
C ALA A 199 39.24 46.16 -9.14
N THR A 200 37.94 45.87 -9.04
CA THR A 200 37.33 44.55 -9.35
C THR A 200 37.07 44.45 -10.86
N LEU A 201 37.58 43.40 -11.51
CA LEU A 201 37.19 43.00 -12.88
C LEU A 201 36.23 41.81 -12.75
N ARG A 202 34.99 41.98 -13.23
CA ARG A 202 33.91 40.96 -13.13
C ARG A 202 33.60 40.44 -14.54
N CYS A 203 33.77 39.13 -14.77
CA CYS A 203 33.48 38.45 -16.05
C CYS A 203 32.06 37.85 -16.00
N TRP A 204 31.17 38.36 -16.86
CA TRP A 204 29.72 38.02 -16.89
C TRP A 204 29.44 36.92 -17.91
N ALA A 205 28.59 35.97 -17.55
CA ALA A 205 27.98 34.95 -18.44
C ALA A 205 26.46 34.96 -18.19
N LEU A 206 25.69 35.39 -19.19
CA LEU A 206 24.25 35.71 -19.06
C LEU A 206 23.44 34.90 -20.08
N GLY A 207 22.31 34.33 -19.63
CA GLY A 207 21.26 33.74 -20.48
C GLY A 207 21.71 32.44 -21.13
N PHE A 208 22.58 31.67 -20.47
CA PHE A 208 23.16 30.41 -21.01
C PHE A 208 22.41 29.19 -20.44
N TYR A 209 22.37 28.12 -21.23
CA TYR A 209 21.84 26.77 -20.86
C TYR A 209 22.60 25.71 -21.65
N PRO A 210 23.06 24.59 -21.04
CA PRO A 210 22.77 24.23 -19.65
C PRO A 210 23.56 25.04 -18.62
N ALA A 211 23.36 24.73 -17.33
CA ALA A 211 23.97 25.42 -16.16
C ALA A 211 25.49 25.24 -16.15
N GLU A 212 26.00 24.14 -16.72
CA GLU A 212 27.44 23.79 -16.72
C GLU A 212 28.23 24.85 -17.51
N ILE A 213 29.24 25.44 -16.89
CA ILE A 213 30.07 26.54 -17.48
C ILE A 213 31.36 26.68 -16.65
N THR A 214 32.44 27.12 -17.29
CA THR A 214 33.77 27.35 -16.67
C THR A 214 34.24 28.77 -16.99
N LEU A 215 34.32 29.62 -15.96
CA LEU A 215 34.84 31.01 -16.02
C LEU A 215 36.16 31.05 -15.25
N THR A 216 37.26 31.45 -15.90
CA THR A 216 38.60 31.56 -15.28
C THR A 216 39.29 32.85 -15.75
N TRP A 217 39.97 33.53 -14.83
CA TRP A 217 40.79 34.75 -15.09
C TRP A 217 42.26 34.35 -15.23
N GLN A 218 42.96 34.95 -16.19
CA GLN A 218 44.42 34.79 -16.44
C GLN A 218 45.04 36.18 -16.66
N GLN A 219 46.36 36.29 -16.46
CA GLN A 219 47.14 37.54 -16.64
C GLN A 219 48.23 37.31 -17.68
N ASP A 220 48.42 38.25 -18.61
CA ASP A 220 49.41 38.19 -19.71
C ASP A 220 50.81 37.95 -19.15
N GLY A 221 51.52 36.95 -19.67
CA GLY A 221 52.84 36.50 -19.19
C GLY A 221 52.78 36.06 -17.74
N GLU A 222 51.72 35.33 -17.36
CA GLU A 222 51.39 34.94 -15.96
C GLU A 222 51.55 36.16 -15.03
N HIS A 224 51.28 37.63 -10.97
CA HIS A 224 50.42 37.37 -9.78
C HIS A 224 48.96 37.73 -10.08
N THR A 225 48.17 36.74 -10.50
CA THR A 225 46.69 36.77 -10.50
C THR A 225 46.22 36.41 -9.08
N GLN A 226 45.29 37.20 -8.53
CA GLN A 226 44.71 36.95 -7.17
C GLN A 226 43.66 35.83 -7.29
N ASP A 227 43.10 35.40 -6.16
CA ASP A 227 42.09 34.31 -6.08
C ASP A 227 40.77 34.80 -6.68
N THR A 228 40.27 34.13 -7.73
CA THR A 228 38.97 34.40 -8.38
C THR A 228 37.84 34.19 -7.37
N GLU A 229 36.95 35.19 -7.21
CA GLU A 229 35.66 35.05 -6.51
C GLU A 229 34.63 34.51 -7.52
N LEU A 230 34.30 33.22 -7.42
CA LEU A 230 33.31 32.54 -8.29
C LEU A 230 31.95 32.57 -7.58
N VAL A 231 30.96 33.22 -8.19
CA VAL A 231 29.58 33.34 -7.64
C VAL A 231 28.81 32.05 -7.98
N GLU A 232 27.96 31.58 -7.06
CA GLU A 232 27.06 30.41 -7.28
C GLU A 232 26.20 30.70 -8.51
N THR A 233 26.19 29.78 -9.49
CA THR A 233 25.36 29.87 -10.72
C THR A 233 23.89 30.01 -10.31
N ARG A 234 23.20 31.00 -10.89
CA ARG A 234 21.84 31.42 -10.48
C ARG A 234 20.91 31.38 -11.69
N PRO A 235 19.62 31.02 -11.49
CA PRO A 235 18.62 31.08 -12.56
C PRO A 235 18.20 32.51 -12.88
N ALA A 236 17.95 32.82 -14.16
CA ALA A 236 17.38 34.10 -14.65
C ALA A 236 15.86 34.09 -14.48
N GLY A 237 15.26 32.90 -14.33
CA GLY A 237 13.81 32.70 -14.12
C GLY A 237 13.09 32.32 -15.40
N ASP A 238 13.80 32.32 -16.53
CA ASP A 238 13.23 32.04 -17.88
C ASP A 238 13.77 30.70 -18.40
N GLY A 239 14.52 29.96 -17.57
CA GLY A 239 15.10 28.65 -17.92
C GLY A 239 16.59 28.71 -18.18
N THR A 240 17.14 29.88 -18.53
CA THR A 240 18.59 30.12 -18.72
C THR A 240 19.20 30.53 -17.39
N PHE A 241 20.54 30.54 -17.31
CA PHE A 241 21.33 30.74 -16.07
C PHE A 241 22.29 31.92 -16.25
N GLN A 242 22.72 32.49 -15.12
CA GLN A 242 23.68 33.63 -15.04
C GLN A 242 24.82 33.26 -14.09
N LYS A 243 26.00 33.79 -14.35
CA LYS A 243 27.21 33.58 -13.50
C LYS A 243 28.21 34.71 -13.79
N TRP A 244 28.99 35.09 -12.78
CA TRP A 244 30.18 35.97 -12.96
C TRP A 244 31.33 35.44 -12.11
N ALA A 245 32.55 35.72 -12.57
CA ALA A 245 33.83 35.43 -11.89
C ALA A 245 34.59 36.75 -11.76
N ALA A 246 34.88 37.17 -10.52
CA ALA A 246 35.56 38.45 -10.21
C ALA A 246 37.01 38.18 -9.80
N VAL A 247 37.91 39.09 -10.15
CA VAL A 247 39.34 39.10 -9.73
C VAL A 247 39.70 40.53 -9.28
N VAL A 248 40.21 40.67 -8.06
CA VAL A 248 40.72 41.97 -7.53
C VAL A 248 42.10 42.21 -8.15
N VAL A 249 42.35 43.42 -8.64
CA VAL A 249 43.44 43.74 -9.60
C VAL A 249 43.97 45.14 -9.30
N PRO A 250 45.30 45.41 -9.42
CA PRO A 250 45.83 46.76 -9.29
C PRO A 250 45.24 47.72 -10.34
N SER A 251 44.78 48.90 -9.91
CA SER A 251 44.18 49.95 -10.75
C SER A 251 45.22 50.45 -11.77
N GLY A 252 44.84 50.46 -13.06
CA GLY A 252 45.73 50.82 -14.18
C GLY A 252 46.18 49.61 -14.99
N GLU A 253 46.08 48.41 -14.41
CA GLU A 253 46.63 47.15 -15.01
C GLU A 253 45.50 46.23 -15.47
N GLU A 254 44.28 46.74 -15.66
CA GLU A 254 43.05 45.94 -15.95
C GLU A 254 43.19 45.23 -17.30
N GLN A 255 43.89 45.83 -18.27
CA GLN A 255 43.95 45.33 -19.67
C GLN A 255 44.96 44.18 -19.81
N ARG A 256 45.70 43.83 -18.74
CA ARG A 256 46.63 42.67 -18.73
C ARG A 256 45.84 41.36 -18.56
N TYR A 257 44.66 41.42 -17.92
CA TYR A 257 43.88 40.23 -17.49
C TYR A 257 42.89 39.81 -18.58
N THR A 258 42.79 38.51 -18.85
CA THR A 258 41.84 37.89 -19.80
C THR A 258 40.88 36.96 -19.05
N CYS A 259 39.60 36.98 -19.41
CA CYS A 259 38.58 36.02 -18.95
C CYS A 259 38.36 34.95 -20.02
N HIS A 260 38.32 33.68 -19.61
CA HIS A 260 38.15 32.49 -20.48
C HIS A 260 36.83 31.78 -20.13
N VAL A 261 35.90 31.72 -21.09
CA VAL A 261 34.55 31.11 -20.94
C VAL A 261 34.48 29.84 -21.78
N GLN A 262 34.23 28.70 -21.14
CA GLN A 262 33.95 27.39 -21.79
C GLN A 262 32.50 27.01 -21.56
N HIS A 263 31.73 26.78 -22.64
CA HIS A 263 30.31 26.35 -22.61
C HIS A 263 30.04 25.44 -23.83
N GLU A 264 29.23 24.39 -23.61
CA GLU A 264 28.82 23.39 -24.63
C GLU A 264 28.29 24.11 -25.89
N GLY A 265 27.52 25.18 -25.70
CA GLY A 265 26.90 25.99 -26.76
C GLY A 265 27.87 26.96 -27.45
N LEU A 266 29.17 26.89 -27.14
CA LEU A 266 30.24 27.65 -27.85
C LEU A 266 31.14 26.66 -28.57
N PRO A 267 31.25 26.71 -29.92
CA PRO A 267 32.06 25.75 -30.67
C PRO A 267 33.52 25.70 -30.20
N GLU A 268 34.07 26.84 -29.77
CA GLU A 268 35.43 26.94 -29.16
C GLU A 268 35.40 27.93 -28.00
N PRO A 269 36.37 27.87 -27.06
CA PRO A 269 36.36 28.72 -25.88
C PRO A 269 36.51 30.22 -26.23
N VAL A 270 35.83 31.08 -25.46
CA VAL A 270 35.78 32.56 -25.67
C VAL A 270 36.79 33.21 -24.73
N THR A 271 37.60 34.14 -25.26
CA THR A 271 38.54 35.01 -24.50
C THR A 271 38.00 36.44 -24.52
N LEU A 272 37.84 37.06 -23.35
CA LEU A 272 37.42 38.48 -23.20
C LEU A 272 38.54 39.25 -22.49
N ARG A 273 38.63 40.54 -22.74
CA ARG A 273 39.59 41.48 -22.11
C ARG A 273 38.86 42.82 -21.90
N TRP A 274 38.93 43.39 -20.70
CA TRP A 274 38.33 44.72 -20.41
C TRP A 274 39.01 45.78 -21.29
N LYS A 275 38.21 46.71 -21.82
CA LYS A 275 38.65 47.81 -22.72
C LYS A 275 37.97 49.09 -22.24
N PRO A 276 38.72 50.20 -22.01
CA PRO A 276 38.11 51.45 -21.57
C PRO A 276 37.26 52.10 -22.69
N MET B 1 23.32 18.11 14.25
CA MET B 1 22.86 18.88 13.05
C MET B 1 23.94 19.84 12.60
N ILE B 2 24.14 19.96 11.28
CA ILE B 2 24.96 21.02 10.63
C ILE B 2 24.02 22.18 10.29
N GLN B 3 24.53 23.42 10.32
CA GLN B 3 23.78 24.65 9.98
C GLN B 3 24.62 25.49 9.02
N ARG B 4 24.09 25.77 7.83
CA ARG B 4 24.72 26.62 6.77
C ARG B 4 23.83 27.84 6.52
N THR B 5 24.45 29.02 6.41
CA THR B 5 23.76 30.32 6.28
C THR B 5 23.42 30.55 4.80
N PRO B 6 22.32 31.27 4.47
CA PRO B 6 21.99 31.56 3.08
C PRO B 6 23.00 32.49 2.40
N LYS B 7 23.41 32.14 1.18
CA LYS B 7 24.11 33.05 0.23
C LYS B 7 23.01 33.75 -0.59
N ILE B 8 22.93 35.08 -0.52
CA ILE B 8 21.81 35.89 -1.09
C ILE B 8 22.34 36.68 -2.29
N GLN B 9 21.78 36.42 -3.48
CA GLN B 9 22.00 37.22 -4.71
C GLN B 9 20.67 37.88 -5.10
N VAL B 10 20.67 39.21 -5.20
CA VAL B 10 19.53 40.03 -5.70
C VAL B 10 19.95 40.66 -7.03
N TYR B 11 19.18 40.41 -8.09
CA TYR B 11 19.53 40.75 -9.49
C TYR B 11 18.26 40.80 -10.34
N SER B 12 18.38 41.37 -11.54
CA SER B 12 17.32 41.42 -12.58
C SER B 12 17.57 40.31 -13.62
N ARG B 13 16.50 39.75 -14.18
CA ARG B 13 16.54 38.75 -15.28
C ARG B 13 17.35 39.34 -16.44
N HIS B 14 16.90 40.48 -16.98
CA HIS B 14 17.53 41.21 -18.12
C HIS B 14 18.26 42.45 -17.57
N PRO B 15 19.28 42.98 -18.28
CA PRO B 15 19.97 44.19 -17.86
C PRO B 15 18.98 45.35 -17.68
N ALA B 16 19.05 46.04 -16.54
CA ALA B 16 18.09 47.07 -16.10
C ALA B 16 18.10 48.27 -17.06
N GLU B 17 16.92 48.59 -17.62
CA GLU B 17 16.63 49.86 -18.33
C GLU B 17 15.50 50.57 -17.58
N ASN B 18 15.71 51.82 -17.18
CA ASN B 18 14.73 52.62 -16.40
C ASN B 18 13.42 52.72 -17.18
N GLY B 19 12.31 52.28 -16.59
CA GLY B 19 10.95 52.35 -17.17
C GLY B 19 10.57 51.12 -17.96
N LYS B 20 11.56 50.30 -18.35
CA LYS B 20 11.36 49.06 -19.14
C LYS B 20 11.07 47.90 -18.18
N SER B 21 9.87 47.33 -18.25
CA SER B 21 9.40 46.20 -17.40
C SER B 21 10.44 45.08 -17.39
N ASN B 22 10.79 44.58 -16.21
CA ASN B 22 11.84 43.55 -15.98
C ASN B 22 11.32 42.53 -14.96
N PHE B 23 12.18 41.64 -14.45
CA PHE B 23 11.89 40.68 -13.35
C PHE B 23 12.97 40.80 -12.28
N LEU B 24 12.57 41.08 -11.03
CA LEU B 24 13.48 41.16 -9.85
C LEU B 24 13.61 39.76 -9.25
N ASN B 25 14.84 39.28 -9.09
CA ASN B 25 15.16 37.91 -8.57
C ASN B 25 15.88 38.05 -7.23
N CYS B 26 15.51 37.21 -6.26
CA CYS B 26 16.29 36.94 -5.04
C CYS B 26 16.55 35.43 -4.93
N TYR B 27 17.79 35.03 -5.20
CA TYR B 27 18.27 33.62 -5.15
C TYR B 27 18.97 33.38 -3.81
N VAL B 28 18.35 32.59 -2.93
CA VAL B 28 18.95 32.09 -1.66
C VAL B 28 19.37 30.63 -1.88
N SER B 29 20.62 30.32 -1.54
CA SER B 29 21.28 29.01 -1.75
C SER B 29 22.29 28.74 -0.63
N GLY B 30 22.78 27.50 -0.53
CA GLY B 30 23.85 27.09 0.38
C GLY B 30 23.42 27.10 1.83
N PHE B 31 22.14 26.87 2.11
CA PHE B 31 21.55 26.99 3.48
C PHE B 31 20.91 25.67 3.92
N HIS B 32 20.87 25.46 5.24
CA HIS B 32 20.33 24.28 5.95
C HIS B 32 20.08 24.66 7.41
N PRO B 33 18.93 24.35 8.04
CA PRO B 33 17.79 23.67 7.38
C PRO B 33 17.05 24.50 6.34
N SER B 34 15.89 23.99 5.87
CA SER B 34 15.12 24.51 4.71
C SER B 34 14.22 25.69 5.13
N ASP B 35 13.80 25.74 6.40
CA ASP B 35 12.94 26.83 6.94
C ASP B 35 13.63 28.18 6.71
N ILE B 36 12.98 29.06 5.95
CA ILE B 36 13.54 30.39 5.57
C ILE B 36 12.39 31.33 5.21
N GLU B 37 12.43 32.55 5.73
CA GLU B 37 11.55 33.69 5.34
C GLU B 37 12.31 34.55 4.32
N VAL B 38 11.70 34.80 3.16
CA VAL B 38 12.27 35.67 2.09
C VAL B 38 11.18 36.64 1.63
N ASP B 39 11.46 37.94 1.69
CA ASP B 39 10.59 39.04 1.20
C ASP B 39 11.40 39.92 0.24
N LEU B 40 10.81 40.26 -0.91
CA LEU B 40 11.28 41.34 -1.82
C LEU B 40 10.69 42.66 -1.33
N LEU B 41 11.53 43.69 -1.18
CA LEU B 41 11.14 45.03 -0.67
C LEU B 41 11.24 46.06 -1.80
N LYS B 42 10.21 46.90 -1.95
CA LYS B 42 10.25 48.17 -2.72
C LYS B 42 10.20 49.32 -1.71
N ASN B 43 11.31 50.07 -1.61
CA ASN B 43 11.41 51.28 -0.74
C ASN B 43 11.11 50.89 0.72
N GLY B 44 11.61 49.74 1.17
CA GLY B 44 11.48 49.24 2.55
C GLY B 44 10.19 48.46 2.77
N GLU B 45 9.24 48.50 1.82
CA GLU B 45 7.90 47.87 1.92
C GLU B 45 7.91 46.53 1.16
N ARG B 46 7.51 45.45 1.83
CA ARG B 46 7.44 44.08 1.24
C ARG B 46 6.43 44.11 0.08
N ILE B 47 6.75 43.40 -1.02
CA ILE B 47 5.88 43.30 -2.23
C ILE B 47 4.99 42.07 -2.06
N GLU B 48 3.71 42.17 -2.47
CA GLU B 48 2.66 41.14 -2.21
C GLU B 48 2.69 40.07 -3.31
N LYS B 49 2.70 40.50 -4.59
CA LYS B 49 2.65 39.61 -5.77
C LYS B 49 4.06 39.06 -6.04
N VAL B 50 4.55 38.19 -5.15
CA VAL B 50 5.90 37.57 -5.19
C VAL B 50 5.72 36.05 -5.28
N GLU B 51 6.31 35.43 -6.30
CA GLU B 51 6.34 33.95 -6.49
C GLU B 51 7.68 33.42 -6.01
N HIS B 52 7.78 32.09 -5.79
CA HIS B 52 9.03 31.39 -5.43
C HIS B 52 9.06 30.02 -6.11
N SER B 53 10.26 29.52 -6.41
CA SER B 53 10.50 28.17 -7.01
C SER B 53 10.17 27.09 -5.96
N ASP B 54 10.04 25.85 -6.40
CA ASP B 54 9.82 24.67 -5.50
C ASP B 54 11.14 24.32 -4.82
N LEU B 55 11.09 23.97 -3.53
CA LEU B 55 12.28 23.68 -2.69
C LEU B 55 13.07 22.51 -3.30
N SER B 56 14.30 22.80 -3.76
CA SER B 56 15.28 21.83 -4.30
C SER B 56 16.61 22.04 -3.58
N PHE B 57 17.61 21.19 -3.83
CA PHE B 57 18.92 21.21 -3.11
C PHE B 57 20.05 20.71 -4.01
N SER B 58 21.27 21.14 -3.70
CA SER B 58 22.51 20.89 -4.46
C SER B 58 23.15 19.56 -4.01
N LYS B 59 24.29 19.20 -4.62
CA LYS B 59 25.02 17.92 -4.36
C LYS B 59 25.38 17.79 -2.87
N ASP B 60 25.66 18.92 -2.20
CA ASP B 60 26.08 18.95 -0.77
C ASP B 60 24.86 19.04 0.16
N TRP B 61 23.64 18.82 -0.38
CA TRP B 61 22.35 18.76 0.37
C TRP B 61 21.88 20.16 0.78
N SER B 62 22.66 21.20 0.48
CA SER B 62 22.30 22.62 0.76
C SER B 62 21.14 23.01 -0.16
N PHE B 63 20.18 23.78 0.37
CA PHE B 63 18.92 24.14 -0.33
C PHE B 63 19.12 25.42 -1.14
N TYR B 64 18.37 25.55 -2.23
CA TYR B 64 18.24 26.79 -3.04
C TYR B 64 16.77 27.06 -3.33
N LEU B 65 16.38 28.34 -3.24
CA LEU B 65 15.05 28.89 -3.64
C LEU B 65 15.27 30.16 -4.47
N LEU B 66 14.43 30.37 -5.49
CA LEU B 66 14.35 31.63 -6.27
C LEU B 66 13.01 32.30 -5.99
N TYR B 67 13.02 33.40 -5.21
CA TYR B 67 11.90 34.35 -5.05
C TYR B 67 12.03 35.43 -6.13
N TYR B 68 10.97 35.63 -6.92
CA TYR B 68 10.94 36.60 -8.04
C TYR B 68 9.60 37.36 -8.05
N THR B 69 9.59 38.53 -8.71
CA THR B 69 8.39 39.34 -8.99
C THR B 69 8.64 40.22 -10.23
N GLU B 70 7.56 40.56 -10.94
CA GLU B 70 7.56 41.53 -12.07
C GLU B 70 7.76 42.92 -11.46
N PHE B 71 8.66 43.74 -12.03
CA PHE B 71 8.99 45.10 -11.54
C PHE B 71 9.49 45.96 -12.70
N THR B 72 9.22 47.27 -12.61
CA THR B 72 9.70 48.31 -13.56
C THR B 72 10.71 49.20 -12.83
N PRO B 73 12.03 49.03 -13.08
CA PRO B 73 13.05 49.80 -12.37
C PRO B 73 12.97 51.29 -12.74
N THR B 74 12.75 52.16 -11.75
CA THR B 74 12.82 53.64 -11.86
C THR B 74 14.12 54.10 -11.18
N GLU B 75 14.58 55.32 -11.50
CA GLU B 75 15.86 55.89 -11.03
C GLU B 75 15.83 56.07 -9.51
N LYS B 76 14.66 56.39 -8.95
CA LYS B 76 14.48 56.77 -7.52
C LYS B 76 14.24 55.54 -6.64
N ASP B 77 13.42 54.57 -7.10
CA ASP B 77 12.95 53.41 -6.29
C ASP B 77 14.13 52.50 -5.93
N GLU B 78 14.22 52.10 -4.67
CA GLU B 78 15.24 51.17 -4.12
C GLU B 78 14.58 49.81 -3.84
N TYR B 79 15.11 48.74 -4.44
CA TYR B 79 14.65 47.33 -4.26
C TYR B 79 15.70 46.55 -3.46
N ALA B 80 15.23 45.58 -2.67
CA ALA B 80 16.07 44.73 -1.80
C ALA B 80 15.38 43.40 -1.52
N CYS B 81 16.12 42.46 -0.91
CA CYS B 81 15.64 41.14 -0.44
C CYS B 81 15.93 41.02 1.06
N ARG B 82 14.92 40.65 1.85
CA ARG B 82 15.03 40.45 3.32
C ARG B 82 14.84 38.96 3.63
N VAL B 83 15.87 38.35 4.22
CA VAL B 83 15.93 36.87 4.50
C VAL B 83 16.07 36.67 6.01
N ASN B 84 15.17 35.88 6.61
CA ASN B 84 15.29 35.39 8.01
C ASN B 84 15.55 33.89 7.98
N HIS B 85 16.53 33.43 8.77
CA HIS B 85 16.98 32.02 8.89
C HIS B 85 17.50 31.79 10.32
N VAL B 86 17.46 30.56 10.82
CA VAL B 86 17.91 30.21 12.20
C VAL B 86 19.38 30.62 12.36
N THR B 87 20.18 30.53 11.28
CA THR B 87 21.61 30.94 11.26
C THR B 87 21.76 32.42 11.61
N LEU B 88 20.81 33.26 11.18
CA LEU B 88 20.86 34.74 11.33
C LEU B 88 20.21 35.16 12.65
N SER B 89 20.93 35.95 13.46
CA SER B 89 20.46 36.56 14.73
C SER B 89 19.28 37.51 14.44
N GLN B 90 19.43 38.37 13.42
CA GLN B 90 18.41 39.33 12.94
C GLN B 90 18.30 39.22 11.42
N PRO B 91 17.12 39.53 10.82
CA PRO B 91 16.94 39.47 9.37
C PRO B 91 18.04 40.19 8.58
N LYS B 92 18.52 39.56 7.49
CA LYS B 92 19.55 40.12 6.59
C LYS B 92 18.88 40.71 5.35
N ILE B 93 19.11 42.00 5.08
CA ILE B 93 18.57 42.74 3.90
C ILE B 93 19.71 42.97 2.91
N VAL B 94 19.47 42.72 1.62
CA VAL B 94 20.46 42.87 0.52
C VAL B 94 19.86 43.77 -0.57
N LYS B 95 20.47 44.93 -0.80
CA LYS B 95 20.04 45.93 -1.82
C LYS B 95 20.25 45.34 -3.22
N TRP B 96 19.35 45.64 -4.16
CA TRP B 96 19.55 45.36 -5.60
C TRP B 96 20.55 46.38 -6.17
N ASP B 97 21.70 45.89 -6.63
CA ASP B 97 22.73 46.68 -7.38
C ASP B 97 22.66 46.27 -8.86
N ARG B 98 22.40 47.24 -9.75
CA ARG B 98 22.27 47.05 -11.21
C ARG B 98 23.54 46.41 -11.80
N ASP B 99 24.71 46.70 -11.22
CA ASP B 99 26.03 46.17 -11.67
C ASP B 99 26.34 44.85 -10.93
N MET B 100 25.30 44.12 -10.50
CA MET B 100 25.40 42.78 -9.88
C MET B 100 24.10 41.99 -10.14
N ARG C 1 9.49 10.10 -14.49
CA ARG C 1 8.55 9.22 -13.72
C ARG C 1 9.21 8.87 -12.37
N LEU C 2 8.41 8.86 -11.31
CA LEU C 2 8.85 8.62 -9.92
C LEU C 2 9.04 7.11 -9.73
N PRO C 3 9.96 6.67 -8.82
CA PRO C 3 9.99 5.28 -8.39
C PRO C 3 8.78 4.97 -7.50
N ALA C 4 8.14 3.82 -7.74
CA ALA C 4 6.95 3.34 -6.98
C ALA C 4 7.32 3.12 -5.51
N LYS C 5 8.55 2.66 -5.27
CA LYS C 5 9.10 2.33 -3.92
C LYS C 5 10.05 3.41 -3.43
N ALA C 6 9.96 3.75 -2.15
CA ALA C 6 10.99 4.48 -1.38
C ALA C 6 11.59 3.51 -0.35
N PRO C 7 12.93 3.40 -0.26
CA PRO C 7 13.56 2.58 0.78
C PRO C 7 13.12 2.94 2.20
N LEU C 8 12.82 1.91 3.02
CA LEU C 8 12.50 2.04 4.46
C LEU C 8 13.80 1.89 5.26
N LEU C 9 14.23 2.98 5.93
CA LEU C 9 15.52 3.02 6.67
C LEU C 9 15.31 2.46 8.07
N ALA D 2 -1.56 -1.02 -11.93
CA ALA D 2 -1.63 -1.51 -10.52
C ALA D 2 -1.11 -2.96 -10.45
N GLN D 3 -1.32 -3.63 -9.32
CA GLN D 3 -0.95 -5.05 -9.10
C GLN D 3 -2.23 -5.90 -9.06
N GLU D 4 -2.35 -6.84 -10.02
CA GLU D 4 -3.49 -7.78 -10.15
C GLU D 4 -2.98 -9.21 -9.92
N VAL D 5 -3.54 -9.91 -8.93
CA VAL D 5 -3.16 -11.31 -8.55
C VAL D 5 -4.26 -12.26 -9.02
N THR D 6 -3.89 -13.29 -9.79
CA THR D 6 -4.79 -14.34 -10.33
C THR D 6 -4.34 -15.72 -9.83
N GLN D 7 -5.29 -16.58 -9.46
CA GLN D 7 -5.04 -17.93 -8.88
C GLN D 7 -5.74 -18.99 -9.73
N ILE D 8 -4.94 -19.83 -10.40
CA ILE D 8 -5.38 -20.86 -11.39
C ILE D 8 -5.09 -22.25 -10.83
N PRO D 9 -6.07 -23.17 -10.76
CA PRO D 9 -7.48 -22.87 -11.03
C PRO D 9 -8.16 -22.09 -9.90
N ALA D 10 -9.42 -21.67 -10.13
CA ALA D 10 -10.28 -20.99 -9.14
C ALA D 10 -10.95 -22.03 -8.24
N ALA D 11 -11.31 -23.19 -8.81
CA ALA D 11 -11.88 -24.35 -8.10
C ALA D 11 -11.18 -25.63 -8.59
N LEU D 12 -10.82 -26.53 -7.66
CA LEU D 12 -10.15 -27.81 -7.98
C LEU D 12 -10.67 -28.91 -7.03
N SER D 13 -11.15 -30.02 -7.61
CA SER D 13 -11.61 -31.23 -6.89
C SER D 13 -10.83 -32.45 -7.42
N VAL D 14 -10.16 -33.18 -6.53
CA VAL D 14 -9.25 -34.32 -6.88
C VAL D 14 -9.46 -35.44 -5.87
N PRO D 15 -9.30 -36.72 -6.28
CA PRO D 15 -9.23 -37.84 -5.32
C PRO D 15 -7.97 -37.77 -4.44
N GLU D 16 -8.09 -38.18 -3.18
CA GLU D 16 -6.98 -38.20 -2.18
C GLU D 16 -5.82 -39.06 -2.72
N GLY D 17 -4.60 -38.77 -2.28
CA GLY D 17 -3.37 -39.48 -2.67
C GLY D 17 -2.72 -38.90 -3.91
N GLU D 18 -3.45 -38.06 -4.67
CA GLU D 18 -2.96 -37.46 -5.94
C GLU D 18 -2.16 -36.18 -5.65
N ASN D 19 -1.06 -35.98 -6.38
CA ASN D 19 -0.32 -34.69 -6.43
C ASN D 19 -1.19 -33.68 -7.17
N LEU D 20 -1.11 -32.40 -6.80
CA LEU D 20 -1.86 -31.28 -7.42
C LEU D 20 -1.08 -29.97 -7.25
N VAL D 21 -1.28 -29.01 -8.14
CA VAL D 21 -0.62 -27.68 -8.08
C VAL D 21 -1.67 -26.57 -8.05
N LEU D 22 -1.47 -25.60 -7.16
CA LEU D 22 -2.16 -24.28 -7.15
C LEU D 22 -1.16 -23.24 -7.65
N ASN D 23 -1.60 -22.34 -8.52
CA ASN D 23 -0.74 -21.32 -9.17
C ASN D 23 -1.11 -19.93 -8.63
N CYS D 24 -0.17 -19.00 -8.76
CA CYS D 24 -0.33 -17.56 -8.43
C CYS D 24 0.48 -16.72 -9.41
N SER D 25 -0.21 -15.94 -10.24
CA SER D 25 0.38 -14.97 -11.20
C SER D 25 0.06 -13.56 -10.71
N PHE D 26 0.99 -12.62 -10.89
CA PHE D 26 0.89 -11.20 -10.45
C PHE D 26 1.52 -10.30 -11.51
N THR D 27 0.84 -9.20 -11.85
CA THR D 27 1.15 -8.30 -13.00
C THR D 27 2.51 -7.61 -12.81
N ASP D 28 2.83 -7.17 -11.58
CA ASP D 28 4.07 -6.44 -11.24
C ASP D 28 5.05 -7.40 -10.55
N SER D 29 6.22 -7.62 -11.18
CA SER D 29 7.28 -8.55 -10.71
C SER D 29 8.08 -7.94 -9.55
N ALA D 30 8.00 -6.62 -9.35
CA ALA D 30 8.70 -5.88 -8.27
C ALA D 30 7.92 -6.07 -6.96
N ILE D 31 8.17 -7.17 -6.26
CA ILE D 31 7.56 -7.48 -4.92
C ILE D 31 8.69 -7.84 -3.95
N TYR D 32 8.45 -7.64 -2.66
CA TYR D 32 9.40 -7.99 -1.55
C TYR D 32 9.14 -9.43 -1.09
N ASN D 33 7.88 -9.83 -1.02
CA ASN D 33 7.41 -11.06 -0.33
C ASN D 33 6.17 -11.61 -1.04
N LEU D 34 6.12 -12.93 -1.24
CA LEU D 34 4.91 -13.69 -1.65
C LEU D 34 4.50 -14.60 -0.49
N GLN D 35 3.19 -14.68 -0.20
CA GLN D 35 2.69 -15.42 0.98
C GLN D 35 1.48 -16.27 0.58
N TRP D 36 1.49 -17.55 0.95
CA TRP D 36 0.36 -18.50 0.79
C TRP D 36 -0.37 -18.65 2.13
N PHE D 37 -1.70 -18.56 2.12
CA PHE D 37 -2.57 -18.71 3.31
C PHE D 37 -3.60 -19.81 3.04
N ARG D 38 -4.02 -20.48 4.11
CA ARG D 38 -5.18 -21.42 4.11
C ARG D 38 -6.32 -20.76 4.90
N GLN D 39 -7.56 -20.89 4.40
CA GLN D 39 -8.78 -20.37 5.07
C GLN D 39 -9.77 -21.54 5.25
N ASP D 40 -9.85 -22.06 6.48
CA ASP D 40 -10.92 -23.02 6.88
C ASP D 40 -12.24 -22.25 6.89
N PRO D 41 -13.36 -22.87 6.44
CA PRO D 41 -14.67 -22.20 6.45
C PRO D 41 -15.02 -21.53 7.80
N GLY D 42 -15.64 -20.35 7.73
CA GLY D 42 -16.16 -19.60 8.90
C GLY D 42 -15.06 -19.05 9.80
N LYS D 43 -13.79 -19.18 9.40
CA LYS D 43 -12.60 -18.76 10.20
C LYS D 43 -11.73 -17.84 9.34
N GLY D 44 -10.64 -17.33 9.92
CA GLY D 44 -9.70 -16.40 9.27
C GLY D 44 -8.59 -17.14 8.55
N LEU D 45 -7.63 -16.37 8.02
CA LEU D 45 -6.45 -16.87 7.28
C LEU D 45 -5.33 -17.25 8.25
N THR D 46 -4.72 -18.41 8.05
CA THR D 46 -3.45 -18.86 8.70
C THR D 46 -2.38 -18.94 7.61
N SER D 47 -1.24 -18.29 7.81
CA SER D 47 -0.12 -18.23 6.83
C SER D 47 0.57 -19.60 6.76
N LEU D 48 0.61 -20.19 5.56
CA LEU D 48 1.28 -21.49 5.28
C LEU D 48 2.78 -21.27 5.03
N LEU D 49 3.11 -20.45 4.02
CA LEU D 49 4.50 -20.22 3.55
C LEU D 49 4.69 -18.74 3.16
N LEU D 50 5.91 -18.23 3.34
CA LEU D 50 6.35 -16.87 2.90
C LEU D 50 7.65 -17.02 2.09
N ILE D 51 7.69 -16.48 0.88
CA ILE D 51 8.87 -16.53 -0.03
C ILE D 51 9.35 -15.09 -0.26
N GLN D 52 10.52 -14.74 0.27
CA GLN D 52 11.20 -13.45 -0.03
C GLN D 52 11.57 -13.40 -1.51
N SER D 53 11.64 -12.19 -2.07
CA SER D 53 12.11 -11.90 -3.45
C SER D 53 13.42 -12.63 -3.75
N SER D 54 14.31 -12.70 -2.77
CA SER D 54 15.69 -13.28 -2.88
C SER D 54 15.66 -14.81 -2.88
N GLN D 55 14.56 -15.42 -2.42
CA GLN D 55 14.38 -16.89 -2.27
C GLN D 55 13.71 -17.47 -3.52
N ARG D 56 13.93 -18.76 -3.80
CA ARG D 56 13.42 -19.48 -5.00
C ARG D 56 12.30 -20.45 -4.61
N GLU D 57 12.31 -20.98 -3.38
CA GLU D 57 11.22 -21.89 -2.88
C GLU D 57 11.24 -21.96 -1.36
N GLN D 58 10.14 -22.46 -0.77
CA GLN D 58 9.98 -22.73 0.69
C GLN D 58 9.12 -23.98 0.87
N THR D 59 9.63 -24.99 1.59
CA THR D 59 8.96 -26.28 1.83
C THR D 59 8.38 -26.31 3.25
N SER D 60 7.24 -26.99 3.43
CA SER D 60 6.56 -27.22 4.73
C SER D 60 5.77 -28.54 4.67
N GLY D 61 6.43 -29.66 4.94
CA GLY D 61 5.86 -31.02 4.82
C GLY D 61 5.56 -31.36 3.37
N ARG D 62 4.27 -31.61 3.06
CA ARG D 62 3.79 -32.02 1.71
C ARG D 62 3.59 -30.78 0.82
N LEU D 63 3.85 -29.58 1.34
CA LEU D 63 3.67 -28.29 0.62
C LEU D 63 5.05 -27.69 0.28
N ASN D 64 5.35 -27.58 -1.01
CA ASN D 64 6.51 -26.82 -1.55
C ASN D 64 5.97 -25.71 -2.45
N ALA D 65 6.30 -24.45 -2.13
CA ALA D 65 5.99 -23.25 -2.95
C ALA D 65 7.28 -22.77 -3.63
N SER D 66 7.21 -22.47 -4.93
CA SER D 66 8.33 -21.90 -5.73
C SER D 66 7.98 -20.47 -6.13
N LEU D 67 8.99 -19.65 -6.43
CA LEU D 67 8.84 -18.22 -6.81
C LEU D 67 9.68 -17.92 -8.05
N ASP D 68 9.00 -17.58 -9.16
CA ASP D 68 9.61 -17.15 -10.44
C ASP D 68 9.28 -15.67 -10.64
N LYS D 69 10.10 -14.78 -10.06
CA LYS D 69 9.92 -13.30 -10.10
C LYS D 69 9.77 -12.82 -11.55
N SER D 70 10.74 -13.17 -12.40
CA SER D 70 10.83 -12.72 -13.82
C SER D 70 9.50 -13.02 -14.55
N SER D 71 9.04 -14.28 -14.50
CA SER D 71 7.79 -14.74 -15.16
C SER D 71 6.56 -14.25 -14.37
N GLY D 72 6.75 -13.82 -13.12
CA GLY D 72 5.69 -13.29 -12.25
C GLY D 72 4.72 -14.40 -11.86
N ARG D 73 5.28 -15.50 -11.35
CA ARG D 73 4.54 -16.76 -11.05
C ARG D 73 5.01 -17.33 -9.71
N SER D 74 4.08 -17.94 -8.97
CA SER D 74 4.35 -18.83 -7.81
C SER D 74 3.51 -20.10 -7.97
N THR D 75 4.14 -21.26 -7.75
CA THR D 75 3.49 -22.60 -7.79
C THR D 75 3.56 -23.20 -6.39
N LEU D 76 2.42 -23.56 -5.81
CA LEU D 76 2.34 -24.37 -4.57
C LEU D 76 2.02 -25.82 -4.96
N TYR D 77 3.02 -26.71 -4.86
CA TYR D 77 2.88 -28.18 -5.06
C TYR D 77 2.37 -28.81 -3.77
N ILE D 78 1.27 -29.56 -3.86
CA ILE D 78 0.71 -30.37 -2.74
C ILE D 78 0.89 -31.85 -3.11
N ALA D 79 1.81 -32.54 -2.44
CA ALA D 79 2.12 -33.98 -2.66
C ALA D 79 1.11 -34.84 -1.88
N ALA D 80 0.68 -35.97 -2.46
CA ALA D 80 -0.19 -36.98 -1.82
C ALA D 80 -1.32 -36.30 -1.05
N SER D 81 -2.28 -35.70 -1.76
CA SER D 81 -3.40 -34.90 -1.20
C SER D 81 -4.21 -35.74 -0.20
N GLN D 82 -4.60 -35.14 0.92
CA GLN D 82 -5.44 -35.74 1.98
C GLN D 82 -6.74 -34.95 2.08
N PRO D 83 -7.84 -35.54 2.59
CA PRO D 83 -9.09 -34.82 2.81
C PRO D 83 -8.93 -33.58 3.71
N GLY D 84 -8.04 -33.66 4.70
CA GLY D 84 -7.70 -32.55 5.62
C GLY D 84 -7.10 -31.34 4.91
N ASP D 85 -6.65 -31.48 3.66
CA ASP D 85 -6.13 -30.35 2.81
C ASP D 85 -7.29 -29.51 2.29
N SER D 86 -8.51 -30.07 2.24
CA SER D 86 -9.74 -29.42 1.74
C SER D 86 -9.92 -28.06 2.42
N ALA D 87 -9.85 -26.97 1.66
CA ALA D 87 -9.96 -25.57 2.13
C ALA D 87 -9.93 -24.62 0.92
N THR D 88 -9.92 -23.30 1.18
CA THR D 88 -9.62 -22.25 0.18
C THR D 88 -8.19 -21.75 0.43
N TYR D 89 -7.36 -21.76 -0.61
CA TYR D 89 -5.93 -21.36 -0.56
C TYR D 89 -5.80 -19.98 -1.22
N LEU D 90 -5.32 -19.00 -0.45
CA LEU D 90 -5.21 -17.58 -0.87
C LEU D 90 -3.73 -17.22 -1.03
N CYS D 91 -3.40 -16.57 -2.14
CA CYS D 91 -2.04 -16.04 -2.46
C CYS D 91 -2.08 -14.51 -2.32
N ALA D 92 -1.00 -13.93 -1.77
CA ALA D 92 -0.85 -12.47 -1.59
C ALA D 92 0.61 -12.06 -1.87
N VAL D 93 0.79 -10.90 -2.52
CA VAL D 93 2.11 -10.25 -2.76
C VAL D 93 2.06 -8.82 -2.20
N THR D 94 3.22 -8.20 -2.01
CA THR D 94 3.34 -6.79 -1.58
C THR D 94 2.76 -5.89 -2.69
N ASN D 95 2.10 -4.79 -2.31
CA ASN D 95 1.57 -3.77 -3.24
C ASN D 95 2.74 -2.99 -3.85
N GLN D 96 2.47 -2.10 -4.80
CA GLN D 96 3.50 -1.31 -5.53
C GLN D 96 4.41 -0.61 -4.52
N ALA D 97 3.83 0.07 -3.52
CA ALA D 97 4.55 0.92 -2.54
C ALA D 97 5.22 0.08 -1.44
N GLY D 98 4.87 -1.21 -1.33
CA GLY D 98 5.42 -2.13 -0.31
C GLY D 98 5.02 -1.70 1.09
N THR D 99 3.71 -1.53 1.32
CA THR D 99 3.11 -1.05 2.59
C THR D 99 1.95 -1.95 3.05
N ALA D 100 1.41 -2.80 2.18
CA ALA D 100 0.29 -3.73 2.50
C ALA D 100 0.29 -4.91 1.51
N LEU D 101 -0.46 -5.96 1.83
CA LEU D 101 -0.59 -7.18 0.98
C LEU D 101 -1.82 -7.06 0.08
N ILE D 102 -1.67 -7.47 -1.18
CA ILE D 102 -2.79 -7.61 -2.16
C ILE D 102 -3.05 -9.10 -2.35
N PHE D 103 -4.32 -9.51 -2.28
CA PHE D 103 -4.76 -10.93 -2.30
C PHE D 103 -5.40 -11.26 -3.65
N GLY D 104 -5.09 -12.45 -4.19
CA GLY D 104 -5.89 -13.10 -5.25
C GLY D 104 -7.20 -13.59 -4.67
N LYS D 105 -8.13 -14.01 -5.54
CA LYS D 105 -9.52 -14.38 -5.15
C LYS D 105 -9.55 -15.80 -4.56
N GLY D 106 -8.38 -16.47 -4.48
CA GLY D 106 -8.22 -17.77 -3.80
C GLY D 106 -8.56 -18.93 -4.71
N THR D 107 -8.10 -20.13 -4.35
CA THR D 107 -8.45 -21.42 -5.03
C THR D 107 -9.20 -22.31 -4.04
N THR D 108 -10.46 -22.64 -4.35
CA THR D 108 -11.29 -23.59 -3.57
C THR D 108 -10.80 -25.02 -3.86
N LEU D 109 -10.16 -25.68 -2.89
CA LEU D 109 -9.67 -27.07 -3.04
C LEU D 109 -10.58 -28.04 -2.26
N SER D 110 -11.05 -29.09 -2.93
CA SER D 110 -11.84 -30.21 -2.34
C SER D 110 -11.14 -31.54 -2.65
N VAL D 111 -10.46 -32.13 -1.67
CA VAL D 111 -9.81 -33.47 -1.78
C VAL D 111 -10.82 -34.53 -1.31
N SER D 112 -11.43 -35.24 -2.26
CA SER D 112 -12.52 -36.23 -2.03
C SER D 112 -11.94 -37.47 -1.35
N SER D 113 -12.57 -37.91 -0.26
CA SER D 113 -12.28 -39.18 0.45
C SER D 113 -12.70 -40.36 -0.43
N ASN D 114 -11.86 -41.38 -0.54
CA ASN D 114 -12.13 -42.61 -1.33
C ASN D 114 -12.96 -43.57 -0.47
N ILE D 115 -14.23 -43.78 -0.82
CA ILE D 115 -15.13 -44.78 -0.19
C ILE D 115 -14.80 -46.15 -0.80
N GLN D 116 -14.13 -47.01 -0.02
CA GLN D 116 -13.55 -48.29 -0.49
C GLN D 116 -14.67 -49.24 -0.93
N ASN D 117 -15.73 -49.35 -0.12
CA ASN D 117 -16.90 -50.25 -0.34
C ASN D 117 -18.18 -49.42 -0.37
N PRO D 118 -18.49 -48.73 -1.49
CA PRO D 118 -19.75 -47.99 -1.61
C PRO D 118 -20.97 -48.92 -1.44
N ASP D 119 -22.01 -48.43 -0.78
CA ASP D 119 -23.27 -49.16 -0.52
C ASP D 119 -24.43 -48.17 -0.64
N PRO D 120 -24.67 -47.57 -1.83
CA PRO D 120 -25.68 -46.52 -1.99
C PRO D 120 -27.06 -46.99 -1.51
N ALA D 121 -27.73 -46.18 -0.69
CA ALA D 121 -29.05 -46.46 -0.09
C ALA D 121 -29.74 -45.15 0.32
N VAL D 122 -31.06 -45.09 0.18
CA VAL D 122 -31.93 -43.95 0.59
C VAL D 122 -32.78 -44.40 1.78
N TYR D 123 -32.67 -43.68 2.90
CA TYR D 123 -33.36 -44.00 4.19
C TYR D 123 -34.30 -42.86 4.57
N GLN D 124 -35.50 -43.21 5.06
CA GLN D 124 -36.51 -42.25 5.58
C GLN D 124 -36.35 -42.16 7.10
N LEU D 125 -36.16 -40.94 7.62
CA LEU D 125 -36.02 -40.62 9.06
C LEU D 125 -37.25 -39.84 9.52
N ARG D 126 -37.84 -40.24 10.65
CA ARG D 126 -39.00 -39.55 11.30
C ARG D 126 -38.47 -38.65 12.42
N ASP D 127 -39.21 -37.59 12.76
CA ASP D 127 -38.86 -36.61 13.82
C ASP D 127 -38.92 -37.31 15.18
N SER D 128 -38.11 -36.86 16.15
CA SER D 128 -38.04 -37.38 17.54
C SER D 128 -39.09 -36.67 18.42
N LYS D 129 -39.85 -35.73 17.86
CA LYS D 129 -40.92 -34.96 18.55
C LYS D 129 -42.26 -35.29 17.88
N SER D 130 -42.39 -35.00 16.58
CA SER D 130 -43.60 -35.19 15.75
C SER D 130 -43.57 -36.56 15.07
N SER D 131 -44.61 -36.88 14.30
CA SER D 131 -44.75 -38.13 13.50
C SER D 131 -44.77 -37.79 12.00
N ASP D 132 -45.64 -36.85 11.60
CA ASP D 132 -45.79 -36.36 10.21
C ASP D 132 -44.46 -35.81 9.69
N LYS D 133 -43.72 -35.11 10.55
CA LYS D 133 -42.40 -34.49 10.23
C LYS D 133 -41.40 -35.60 9.91
N SER D 134 -40.92 -35.66 8.65
CA SER D 134 -40.01 -36.71 8.13
C SER D 134 -38.85 -36.08 7.33
N VAL D 135 -37.76 -36.82 7.19
CA VAL D 135 -36.55 -36.45 6.38
C VAL D 135 -36.09 -37.69 5.61
N CYS D 136 -35.61 -37.54 4.36
CA CYS D 136 -34.97 -38.62 3.55
C CYS D 136 -33.45 -38.39 3.55
N LEU D 137 -32.67 -39.47 3.70
CA LEU D 137 -31.19 -39.48 3.80
C LEU D 137 -30.61 -40.44 2.74
N PHE D 138 -29.86 -39.90 1.78
CA PHE D 138 -29.03 -40.64 0.79
C PHE D 138 -27.59 -40.65 1.33
N THR D 139 -26.99 -41.84 1.45
CA THR D 139 -25.72 -42.07 2.20
C THR D 139 -24.96 -43.27 1.62
N ASP D 140 -23.68 -43.40 1.99
CA ASP D 140 -22.79 -44.55 1.71
C ASP D 140 -22.48 -44.65 0.21
N PHE D 141 -22.68 -43.56 -0.55
CA PHE D 141 -22.47 -43.53 -2.03
C PHE D 141 -21.03 -43.05 -2.32
N ASP D 142 -20.59 -43.23 -3.56
CA ASP D 142 -19.22 -42.89 -4.05
C ASP D 142 -18.97 -41.38 -3.91
N SER D 143 -17.71 -40.98 -3.85
CA SER D 143 -17.27 -39.56 -3.80
C SER D 143 -17.41 -38.92 -5.20
N GLN D 144 -17.39 -39.74 -6.26
CA GLN D 144 -17.49 -39.27 -7.67
C GLN D 144 -18.97 -39.20 -8.09
N THR D 145 -19.89 -39.58 -7.20
CA THR D 145 -21.36 -39.32 -7.33
C THR D 145 -21.64 -37.86 -7.04
N ASN D 146 -22.39 -37.18 -7.93
CA ASN D 146 -22.85 -35.78 -7.75
C ASN D 146 -24.36 -35.78 -7.53
N VAL D 147 -24.82 -35.30 -6.38
CA VAL D 147 -26.27 -35.20 -6.00
C VAL D 147 -26.89 -34.07 -6.84
N SER D 148 -27.82 -34.42 -7.74
CA SER D 148 -28.52 -33.48 -8.66
C SER D 148 -29.45 -32.56 -7.87
N GLN D 149 -29.75 -31.38 -8.42
CA GLN D 149 -30.56 -30.31 -7.77
C GLN D 149 -32.03 -30.75 -7.69
N SER D 150 -32.80 -30.15 -6.77
CA SER D 150 -34.23 -30.44 -6.54
C SER D 150 -35.06 -29.93 -7.72
N LYS D 151 -34.93 -28.62 -8.01
CA LYS D 151 -35.69 -27.86 -9.05
C LYS D 151 -37.20 -27.97 -8.79
N ASP D 152 -37.57 -27.96 -7.50
CA ASP D 152 -38.95 -27.81 -6.97
C ASP D 152 -38.86 -27.02 -5.67
N SER D 153 -39.72 -26.01 -5.46
CA SER D 153 -39.63 -25.06 -4.32
C SER D 153 -40.32 -25.61 -3.07
N ASP D 154 -40.94 -26.79 -3.17
CA ASP D 154 -41.60 -27.51 -2.04
C ASP D 154 -40.67 -28.63 -1.54
N VAL D 155 -39.87 -29.17 -2.46
CA VAL D 155 -38.91 -30.27 -2.17
C VAL D 155 -37.50 -29.70 -2.12
N TYR D 156 -36.80 -29.94 -1.00
CA TYR D 156 -35.41 -29.46 -0.77
C TYR D 156 -34.46 -30.65 -0.69
N ILE D 157 -33.31 -30.52 -1.34
CA ILE D 157 -32.20 -31.53 -1.31
C ILE D 157 -30.91 -30.75 -1.05
N THR D 158 -30.09 -31.26 -0.14
CA THR D 158 -28.83 -30.62 0.31
C THR D 158 -27.66 -31.14 -0.54
N ASP D 159 -26.56 -30.37 -0.59
CA ASP D 159 -25.26 -30.83 -1.12
C ASP D 159 -24.70 -31.87 -0.14
N LYS D 160 -23.88 -32.80 -0.63
CA LYS D 160 -23.30 -33.91 0.18
C LYS D 160 -22.14 -33.38 1.01
N CYS D 161 -21.89 -33.97 2.18
CA CYS D 161 -20.64 -33.84 2.98
C CYS D 161 -20.23 -35.23 3.49
N VAL D 162 -18.95 -35.40 3.84
CA VAL D 162 -18.38 -36.67 4.34
C VAL D 162 -18.17 -36.55 5.86
N LEU D 163 -18.67 -37.53 6.63
CA LEU D 163 -18.45 -37.64 8.09
C LEU D 163 -17.44 -38.77 8.35
N ASP D 164 -16.54 -38.55 9.32
CA ASP D 164 -15.44 -39.50 9.66
C ASP D 164 -15.76 -40.15 11.01
N MET D 165 -16.18 -41.43 10.98
CA MET D 165 -16.35 -42.29 12.18
C MET D 165 -15.00 -42.94 12.52
N ARG D 166 -14.04 -42.14 13.00
CA ARG D 166 -12.65 -42.59 13.30
C ARG D 166 -12.68 -43.78 14.28
N SER D 167 -13.67 -43.82 15.19
CA SER D 167 -13.90 -44.92 16.16
C SER D 167 -13.97 -46.27 15.44
N MET D 168 -14.55 -46.30 14.23
CA MET D 168 -14.69 -47.51 13.38
C MET D 168 -13.86 -47.36 12.10
N ASP D 169 -12.83 -46.50 12.12
CA ASP D 169 -11.99 -46.11 10.95
C ASP D 169 -12.83 -46.23 9.68
N PHE D 170 -13.84 -45.36 9.53
CA PHE D 170 -14.91 -45.45 8.50
C PHE D 170 -15.32 -44.04 8.06
N LYS D 171 -15.37 -43.81 6.74
CA LYS D 171 -15.89 -42.58 6.10
C LYS D 171 -17.24 -42.90 5.46
N SER D 172 -18.12 -41.90 5.31
CA SER D 172 -19.41 -42.01 4.58
C SER D 172 -19.88 -40.63 4.13
N ASN D 173 -20.16 -40.50 2.83
CA ASN D 173 -20.85 -39.32 2.23
C ASN D 173 -22.33 -39.42 2.57
N SER D 174 -23.04 -38.29 2.55
CA SER D 174 -24.50 -38.20 2.82
C SER D 174 -25.05 -36.84 2.38
N ALA D 175 -26.19 -36.84 1.69
CA ALA D 175 -27.03 -35.66 1.40
C ALA D 175 -28.41 -35.88 2.01
N VAL D 176 -29.14 -34.79 2.30
CA VAL D 176 -30.47 -34.81 2.96
C VAL D 176 -31.51 -34.24 1.99
N ALA D 177 -32.71 -34.86 2.01
CA ALA D 177 -33.90 -34.39 1.28
C ALA D 177 -35.12 -34.32 2.21
N TRP D 178 -35.97 -33.30 2.04
CA TRP D 178 -37.17 -33.17 2.91
C TRP D 178 -38.20 -32.23 2.26
N SER D 179 -39.48 -32.41 2.58
CA SER D 179 -40.57 -31.55 2.05
C SER D 179 -41.75 -31.50 3.00
N ASN D 180 -42.69 -30.57 2.77
CA ASN D 180 -43.91 -30.37 3.60
C ASN D 180 -45.11 -31.05 2.93
N LYS D 181 -44.93 -31.57 1.72
CA LYS D 181 -46.01 -32.27 0.97
C LYS D 181 -46.17 -33.67 1.56
N SER D 182 -47.41 -34.21 1.58
CA SER D 182 -47.62 -35.58 2.10
C SER D 182 -47.57 -36.59 0.95
N ALA D 185 -42.19 -38.54 -1.08
CA ALA D 185 -41.64 -39.86 -1.48
C ALA D 185 -40.11 -39.81 -1.61
N CYS D 186 -39.39 -40.46 -0.69
CA CYS D 186 -37.90 -40.48 -0.72
C CYS D 186 -37.42 -41.21 -1.98
N ALA D 187 -38.14 -42.27 -2.34
CA ALA D 187 -37.87 -43.19 -3.47
C ALA D 187 -37.14 -42.54 -4.65
N ASN D 188 -37.66 -41.44 -5.21
CA ASN D 188 -37.00 -40.86 -6.40
C ASN D 188 -36.25 -39.59 -6.02
N ALA D 189 -36.59 -39.02 -4.87
CA ALA D 189 -36.07 -37.72 -4.37
C ALA D 189 -34.60 -37.47 -4.72
N PHE D 190 -33.74 -38.47 -4.54
CA PHE D 190 -32.29 -38.23 -4.80
C PHE D 190 -31.91 -38.36 -6.28
N ASN D 191 -32.84 -38.84 -7.11
CA ASN D 191 -32.54 -38.98 -8.57
C ASN D 191 -32.93 -37.70 -9.29
N ALA E 2 -1.96 -13.99 22.67
CA ALA E 2 -1.38 -13.06 21.64
C ALA E 2 -2.22 -13.14 20.35
N GLY E 3 -1.67 -12.65 19.23
CA GLY E 3 -2.32 -12.65 17.91
C GLY E 3 -3.28 -11.47 17.76
N VAL E 4 -4.19 -11.54 16.78
CA VAL E 4 -5.13 -10.45 16.40
C VAL E 4 -6.52 -10.76 16.97
N THR E 5 -7.14 -9.79 17.64
CA THR E 5 -8.52 -9.88 18.21
C THR E 5 -9.46 -9.03 17.36
N GLN E 6 -10.70 -9.50 17.19
CA GLN E 6 -11.80 -8.80 16.47
C GLN E 6 -13.12 -9.01 17.21
N THR E 7 -13.82 -7.91 17.54
CA THR E 7 -15.23 -7.92 17.99
C THR E 7 -16.02 -6.92 17.15
N PRO E 8 -17.32 -7.16 16.90
CA PRO E 8 -18.00 -8.40 17.28
C PRO E 8 -17.72 -9.50 16.22
N LYS E 9 -18.21 -10.71 16.46
CA LYS E 9 -18.06 -11.85 15.51
C LYS E 9 -19.22 -11.83 14.50
N PHE E 10 -20.39 -11.38 14.94
CA PHE E 10 -21.61 -11.17 14.12
C PHE E 10 -22.24 -9.83 14.48
N GLN E 11 -22.95 -9.21 13.53
CA GLN E 11 -23.61 -7.89 13.73
C GLN E 11 -24.64 -7.68 12.62
N VAL E 12 -25.88 -7.37 13.00
CA VAL E 12 -26.97 -6.92 12.09
C VAL E 12 -27.13 -5.40 12.28
N LEU E 13 -27.20 -4.65 11.18
CA LEU E 13 -27.40 -3.19 11.17
C LEU E 13 -28.60 -2.83 10.30
N LYS E 14 -29.35 -1.81 10.71
CA LYS E 14 -30.35 -1.09 9.86
C LYS E 14 -29.58 -0.08 9.01
N THR E 15 -29.96 0.08 7.74
CA THR E 15 -29.35 1.06 6.81
C THR E 15 -29.31 2.43 7.50
N GLY E 16 -28.16 3.11 7.47
CA GLY E 16 -27.98 4.45 8.05
C GLY E 16 -27.35 4.42 9.43
N GLN E 17 -27.34 3.27 10.10
CA GLN E 17 -26.74 3.09 11.46
C GLN E 17 -25.21 3.23 11.36
N SER E 18 -24.60 3.81 12.40
CA SER E 18 -23.12 3.91 12.56
C SER E 18 -22.65 2.82 13.52
N MET E 19 -21.52 2.19 13.21
CA MET E 19 -20.97 1.01 13.92
C MET E 19 -19.46 0.99 13.73
N THR E 20 -18.71 0.68 14.80
CA THR E 20 -17.23 0.57 14.81
C THR E 20 -16.84 -0.90 15.01
N LEU E 21 -16.20 -1.49 14.00
CA LEU E 21 -15.63 -2.86 14.05
C LEU E 21 -14.30 -2.80 14.81
N GLN E 22 -14.19 -3.55 15.91
CA GLN E 22 -13.04 -3.49 16.85
C GLN E 22 -11.95 -4.46 16.36
N CYS E 23 -10.69 -4.04 16.46
CA CYS E 23 -9.47 -4.85 16.17
C CYS E 23 -8.32 -4.40 17.07
N SER E 24 -7.53 -5.35 17.57
CA SER E 24 -6.30 -5.10 18.38
C SER E 24 -5.33 -6.27 18.23
N GLN E 25 -4.05 -6.01 18.46
CA GLN E 25 -2.96 -7.02 18.53
C GLN E 25 -1.97 -6.58 19.61
N ASP E 26 -1.32 -7.55 20.27
CA ASP E 26 -0.38 -7.31 21.40
C ASP E 26 1.00 -7.86 21.01
N MET E 27 1.40 -7.64 19.75
CA MET E 27 2.66 -8.14 19.15
C MET E 27 3.54 -6.95 18.73
N ASN E 28 3.13 -5.72 19.08
CA ASN E 28 3.84 -4.45 18.81
C ASN E 28 4.14 -4.34 17.30
N HIS E 29 3.20 -4.78 16.47
CA HIS E 29 3.30 -4.76 14.99
C HIS E 29 3.02 -3.34 14.48
N GLU E 30 3.95 -2.81 13.68
CA GLU E 30 3.84 -1.45 13.06
C GLU E 30 2.73 -1.46 12.02
N TYR E 31 2.53 -2.59 11.32
CA TYR E 31 1.69 -2.69 10.10
C TYR E 31 0.40 -3.43 10.41
N MET E 32 -0.74 -2.75 10.19
CA MET E 32 -2.11 -3.32 10.36
C MET E 32 -2.96 -2.91 9.16
N SER E 33 -4.01 -3.69 8.87
CA SER E 33 -4.85 -3.57 7.65
C SER E 33 -6.25 -4.13 7.89
N TRP E 34 -7.22 -3.65 7.11
CA TRP E 34 -8.63 -4.11 7.07
C TRP E 34 -8.96 -4.62 5.66
N TYR E 35 -9.54 -5.82 5.57
CA TYR E 35 -9.99 -6.46 4.30
C TYR E 35 -11.47 -6.82 4.42
N ARG E 36 -12.17 -6.88 3.29
CA ARG E 36 -13.54 -7.44 3.18
C ARG E 36 -13.50 -8.63 2.21
N GLN E 37 -14.17 -9.72 2.58
CA GLN E 37 -14.26 -10.97 1.77
C GLN E 37 -15.72 -11.16 1.33
N ASP E 38 -15.96 -11.12 0.01
CA ASP E 38 -17.27 -11.44 -0.60
C ASP E 38 -17.13 -12.78 -1.32
N PRO E 39 -18.19 -13.63 -1.33
CA PRO E 39 -18.13 -14.92 -2.02
C PRO E 39 -17.48 -14.81 -3.41
N GLY E 40 -17.74 -13.70 -4.11
CA GLY E 40 -17.04 -13.29 -5.34
C GLY E 40 -15.91 -12.32 -5.04
N MET E 41 -14.75 -12.53 -5.69
CA MET E 41 -13.59 -11.61 -5.78
C MET E 41 -12.86 -11.45 -4.43
N GLY E 42 -12.99 -12.43 -3.52
CA GLY E 42 -12.11 -12.64 -2.34
C GLY E 42 -11.82 -11.38 -1.56
N LEU E 43 -10.57 -11.22 -1.12
CA LEU E 43 -10.12 -10.14 -0.19
C LEU E 43 -9.76 -8.87 -0.97
N ARG E 44 -10.40 -7.74 -0.61
CA ARG E 44 -10.06 -6.38 -1.10
C ARG E 44 -9.69 -5.51 0.11
N LEU E 45 -8.56 -4.79 0.01
CA LEU E 45 -8.04 -3.86 1.05
C LEU E 45 -8.98 -2.67 1.18
N ILE E 46 -9.39 -2.34 2.41
CA ILE E 46 -10.27 -1.16 2.72
C ILE E 46 -9.37 0.02 3.10
N HIS E 47 -8.66 -0.11 4.23
CA HIS E 47 -7.67 0.86 4.77
C HIS E 47 -6.45 0.08 5.30
N TYR E 48 -5.31 0.75 5.42
CA TYR E 48 -4.08 0.17 6.02
C TYR E 48 -3.33 1.24 6.82
N SER E 49 -2.45 0.80 7.71
CA SER E 49 -1.59 1.63 8.58
C SER E 49 -0.15 1.08 8.55
N VAL E 50 0.85 1.97 8.60
CA VAL E 50 2.30 1.62 8.65
C VAL E 50 2.89 2.09 9.99
N GLY E 51 2.02 2.46 10.94
CA GLY E 51 2.42 2.90 12.30
C GLY E 51 1.35 3.73 12.98
N ALA E 52 1.55 4.02 14.27
CA ALA E 52 0.67 4.88 15.10
C ALA E 52 0.56 6.26 14.48
N GLY E 53 -0.67 6.75 14.26
CA GLY E 53 -0.96 8.10 13.75
C GLY E 53 -0.94 8.18 12.23
N ILE E 54 -0.67 7.05 11.54
CA ILE E 54 -0.54 7.01 10.06
C ILE E 54 -1.55 6.00 9.50
N THR E 55 -2.37 6.46 8.55
CA THR E 55 -3.52 5.73 7.94
C THR E 55 -3.61 6.15 6.47
N ASP E 56 -4.11 5.25 5.59
CA ASP E 56 -4.29 5.54 4.14
C ASP E 56 -5.40 4.63 3.57
N GLN E 57 -5.95 5.03 2.42
CA GLN E 57 -7.03 4.32 1.70
C GLN E 57 -6.47 3.08 0.99
N GLY E 58 -7.30 2.03 0.87
CA GLY E 58 -7.00 0.79 0.14
C GLY E 58 -7.65 0.77 -1.24
N GLU E 59 -8.16 -0.39 -1.66
CA GLU E 59 -8.75 -0.64 -3.00
C GLU E 59 -10.23 -0.23 -3.00
N VAL E 60 -10.92 -0.41 -1.87
CA VAL E 60 -12.38 -0.13 -1.70
C VAL E 60 -12.58 0.68 -0.41
N PRO E 61 -12.06 1.93 -0.35
CA PRO E 61 -12.06 2.70 0.90
C PRO E 61 -13.37 3.41 1.27
N ASN E 62 -14.26 3.66 0.30
CA ASN E 62 -15.44 4.54 0.45
C ASN E 62 -16.52 3.87 1.32
N GLY E 63 -17.00 4.60 2.35
CA GLY E 63 -18.01 4.13 3.32
C GLY E 63 -17.38 3.75 4.65
N TYR E 64 -16.05 3.85 4.77
CA TYR E 64 -15.25 3.35 5.92
C TYR E 64 -14.29 4.43 6.42
N ASN E 65 -14.11 4.53 7.74
CA ASN E 65 -13.07 5.35 8.41
C ASN E 65 -12.28 4.45 9.37
N VAL E 66 -10.99 4.78 9.60
CA VAL E 66 -10.10 4.09 10.58
C VAL E 66 -9.29 5.15 11.33
N SER E 67 -8.75 4.78 12.49
CA SER E 67 -7.80 5.60 13.30
C SER E 67 -6.76 4.67 13.94
N ARG E 68 -5.51 5.13 14.01
CA ARG E 68 -4.39 4.38 14.64
C ARG E 68 -3.75 5.27 15.71
N SER E 69 -4.47 5.50 16.81
CA SER E 69 -4.03 6.30 17.98
C SER E 69 -2.92 5.57 18.73
N THR E 70 -2.94 4.23 18.70
CA THR E 70 -2.00 3.33 19.41
C THR E 70 -1.52 2.25 18.43
N THR E 71 -0.40 1.59 18.75
CA THR E 71 0.12 0.40 18.03
C THR E 71 -0.84 -0.78 18.23
N GLU E 72 -1.47 -0.85 19.42
CA GLU E 72 -2.36 -1.97 19.82
C GLU E 72 -3.60 -2.00 18.91
N ASP E 73 -4.30 -0.87 18.80
CA ASP E 73 -5.69 -0.79 18.28
C ASP E 73 -5.69 -0.15 16.89
N PHE E 74 -6.65 -0.57 16.06
CA PHE E 74 -6.88 -0.06 14.68
C PHE E 74 -8.36 -0.27 14.35
N PRO E 75 -9.28 0.48 15.00
CA PRO E 75 -10.72 0.30 14.77
C PRO E 75 -11.17 0.75 13.38
N LEU E 76 -12.18 0.05 12.83
CA LEU E 76 -12.84 0.38 11.54
C LEU E 76 -14.24 0.92 11.85
N ARG E 77 -14.54 2.14 11.38
CA ARG E 77 -15.82 2.85 11.61
C ARG E 77 -16.62 2.86 10.30
N LEU E 78 -17.88 2.39 10.36
CA LEU E 78 -18.91 2.65 9.33
C LEU E 78 -19.74 3.85 9.80
N LEU E 79 -19.69 4.95 9.03
CA LEU E 79 -20.33 6.25 9.39
C LEU E 79 -21.84 6.11 9.17
N SER E 80 -22.23 5.66 7.98
CA SER E 80 -23.63 5.34 7.57
C SER E 80 -23.62 3.99 6.84
N ALA E 81 -24.25 2.97 7.44
CA ALA E 81 -24.24 1.57 6.95
C ALA E 81 -25.17 1.44 5.73
N ALA E 82 -24.69 0.77 4.68
CA ALA E 82 -25.43 0.48 3.43
C ALA E 82 -25.42 -1.03 3.17
N PRO E 83 -26.46 -1.61 2.53
CA PRO E 83 -26.51 -3.03 2.23
C PRO E 83 -25.28 -3.59 1.47
N SER E 84 -24.63 -2.77 0.64
CA SER E 84 -23.44 -3.15 -0.17
C SER E 84 -22.26 -3.47 0.76
N GLN E 85 -22.27 -2.95 1.99
CA GLN E 85 -21.23 -3.20 3.03
C GLN E 85 -21.53 -4.50 3.78
N THR E 86 -22.53 -5.27 3.35
CA THR E 86 -22.73 -6.68 3.80
C THR E 86 -21.58 -7.52 3.26
N SER E 87 -20.80 -8.14 4.15
CA SER E 87 -19.54 -8.86 3.84
C SER E 87 -19.01 -9.50 5.12
N VAL E 88 -17.84 -10.15 5.04
CA VAL E 88 -17.01 -10.58 6.21
C VAL E 88 -15.76 -9.69 6.23
N TYR E 89 -15.43 -9.13 7.40
CA TYR E 89 -14.34 -8.13 7.59
C TYR E 89 -13.21 -8.76 8.41
N PHE E 90 -11.99 -8.69 7.87
CA PHE E 90 -10.77 -9.30 8.46
C PHE E 90 -9.74 -8.22 8.76
N CYS E 91 -9.30 -8.16 10.01
CA CYS E 91 -8.16 -7.32 10.48
C CYS E 91 -6.88 -8.17 10.46
N ALA E 92 -5.78 -7.59 9.98
CA ALA E 92 -4.48 -8.28 9.79
C ALA E 92 -3.33 -7.38 10.26
N SER E 93 -2.31 -7.97 10.88
CA SER E 93 -1.07 -7.28 11.34
C SER E 93 0.15 -8.08 10.88
N SER E 94 1.30 -7.41 10.79
CA SER E 94 2.62 -8.03 10.51
C SER E 94 3.73 -7.17 11.13
N TYR E 95 4.78 -7.80 11.65
CA TYR E 95 6.00 -7.12 12.17
C TYR E 95 6.63 -6.30 11.02
N SER E 96 6.65 -6.87 9.80
CA SER E 96 7.21 -6.23 8.59
C SER E 96 6.38 -6.62 7.36
N ILE E 97 6.38 -5.75 6.34
CA ILE E 97 5.76 -6.00 5.00
C ILE E 97 6.87 -6.39 4.01
N ARG E 98 8.07 -5.82 4.16
CA ARG E 98 9.19 -5.92 3.17
C ARG E 98 10.23 -6.97 3.59
N GLY E 99 10.53 -7.06 4.90
CA GLY E 99 11.62 -7.90 5.44
C GLY E 99 11.22 -9.35 5.63
N SER E 100 12.14 -10.15 6.15
CA SER E 100 12.02 -11.62 6.32
C SER E 100 10.89 -11.97 7.31
N ARG E 101 10.74 -11.19 8.38
CA ARG E 101 9.63 -11.31 9.37
C ARG E 101 8.32 -10.84 8.73
N GLY E 102 7.95 -11.42 7.59
CA GLY E 102 6.81 -11.00 6.75
C GLY E 102 5.49 -11.63 7.18
N GLU E 103 5.51 -12.62 8.07
CA GLU E 103 4.32 -13.44 8.44
C GLU E 103 3.16 -12.51 8.82
N GLN E 104 2.08 -12.53 8.04
CA GLN E 104 0.84 -11.75 8.31
C GLN E 104 -0.13 -12.62 9.12
N PHE E 105 -0.62 -12.10 10.25
CA PHE E 105 -1.58 -12.74 11.18
C PHE E 105 -2.96 -12.11 11.00
N PHE E 106 -4.00 -12.92 10.83
CA PHE E 106 -5.41 -12.46 10.61
C PHE E 106 -6.23 -12.68 11.88
N GLY E 107 -7.25 -11.83 12.07
CA GLY E 107 -8.26 -11.97 13.13
C GLY E 107 -9.32 -12.99 12.75
N PRO E 108 -10.19 -13.41 13.69
CA PRO E 108 -11.18 -14.45 13.41
C PRO E 108 -12.27 -14.03 12.41
N GLY E 109 -12.43 -12.71 12.20
CA GLY E 109 -13.34 -12.14 11.19
C GLY E 109 -14.64 -11.67 11.81
N THR E 110 -15.24 -10.62 11.24
CA THR E 110 -16.55 -10.05 11.64
C THR E 110 -17.53 -10.19 10.47
N ARG E 111 -18.55 -11.05 10.64
CA ARG E 111 -19.70 -11.16 9.70
C ARG E 111 -20.67 -10.02 10.00
N LEU E 112 -21.05 -9.27 8.97
CA LEU E 112 -21.94 -8.09 9.07
C LEU E 112 -22.92 -8.11 7.88
N THR E 113 -24.22 -8.07 8.16
CA THR E 113 -25.30 -7.89 7.15
C THR E 113 -26.07 -6.61 7.47
N VAL E 114 -26.25 -5.74 6.48
CA VAL E 114 -27.00 -4.45 6.58
C VAL E 114 -28.33 -4.64 5.86
N LEU E 115 -29.44 -4.39 6.57
CA LEU E 115 -30.83 -4.51 6.06
C LEU E 115 -31.52 -3.14 6.15
N GLU E 116 -32.43 -2.83 5.23
CA GLU E 116 -33.29 -1.62 5.33
C GLU E 116 -34.36 -1.87 6.40
N ASP E 117 -34.89 -3.09 6.45
CA ASP E 117 -35.91 -3.55 7.45
C ASP E 117 -35.32 -4.68 8.28
N LEU E 118 -35.42 -4.58 9.61
CA LEU E 118 -35.04 -5.65 10.58
C LEU E 118 -36.26 -6.54 10.86
N LYS E 119 -37.40 -6.27 10.19
CA LYS E 119 -38.69 -6.97 10.43
C LYS E 119 -38.66 -8.36 9.78
N ASN E 120 -37.76 -8.58 8.81
CA ASN E 120 -37.59 -9.87 8.09
C ASN E 120 -36.56 -10.75 8.81
N VAL E 121 -36.08 -10.33 9.99
CA VAL E 121 -35.13 -11.08 10.85
C VAL E 121 -35.91 -12.06 11.73
N PHE E 122 -35.65 -13.37 11.57
CA PHE E 122 -36.26 -14.46 12.37
C PHE E 122 -35.15 -15.37 12.91
N PRO E 123 -35.34 -15.97 14.11
CA PRO E 123 -34.42 -17.00 14.61
C PRO E 123 -34.76 -18.35 13.99
N PRO E 124 -33.91 -19.39 14.18
CA PRO E 124 -34.19 -20.70 13.61
C PRO E 124 -35.16 -21.56 14.44
N GLU E 125 -35.93 -22.42 13.78
CA GLU E 125 -36.62 -23.59 14.37
C GLU E 125 -35.79 -24.83 14.06
N VAL E 126 -35.58 -25.69 15.07
CA VAL E 126 -34.63 -26.85 15.00
C VAL E 126 -35.39 -28.14 15.32
N ALA E 127 -35.17 -29.19 14.52
CA ALA E 127 -35.79 -30.52 14.65
C ALA E 127 -34.71 -31.60 14.46
N VAL E 128 -34.67 -32.59 15.38
CA VAL E 128 -33.80 -33.79 15.32
C VAL E 128 -34.64 -34.95 14.78
N PHE E 129 -34.16 -35.63 13.73
CA PHE E 129 -34.84 -36.76 13.06
C PHE E 129 -34.06 -38.05 13.34
N GLU E 130 -34.74 -39.05 13.92
CA GLU E 130 -34.13 -40.29 14.48
C GLU E 130 -33.65 -41.19 13.34
N PRO E 131 -32.64 -42.05 13.59
CA PRO E 131 -32.16 -43.00 12.58
C PRO E 131 -33.25 -43.93 12.03
N SER E 132 -33.03 -44.46 10.83
CA SER E 132 -33.91 -45.42 10.12
C SER E 132 -33.62 -46.84 10.62
N GLU E 133 -34.68 -47.61 10.90
CA GLU E 133 -34.62 -49.07 11.16
C GLU E 133 -33.85 -49.76 10.02
N ALA E 134 -34.12 -49.35 8.77
CA ALA E 134 -33.52 -49.88 7.54
C ALA E 134 -31.99 -49.71 7.57
N GLU E 135 -31.51 -48.59 8.13
CA GLU E 135 -30.06 -48.26 8.24
C GLU E 135 -29.41 -49.16 9.31
N ILE E 136 -30.03 -49.26 10.49
CA ILE E 136 -29.52 -50.01 11.67
C ILE E 136 -29.38 -51.51 11.31
N SER E 137 -30.28 -52.03 10.48
CA SER E 137 -30.32 -53.46 10.07
C SER E 137 -29.23 -53.75 9.03
N HIS E 138 -29.13 -52.90 8.00
CA HIS E 138 -28.37 -53.15 6.74
C HIS E 138 -26.89 -52.76 6.90
N THR E 139 -26.59 -51.73 7.70
CA THR E 139 -25.21 -51.18 7.88
C THR E 139 -24.73 -51.34 9.33
N GLN E 140 -25.62 -51.62 10.28
CA GLN E 140 -25.34 -51.64 11.74
C GLN E 140 -24.77 -50.28 12.17
N LYS E 141 -25.35 -49.20 11.65
CA LYS E 141 -24.96 -47.79 11.95
C LYS E 141 -26.22 -46.92 12.02
N ALA E 142 -26.20 -45.89 12.87
CA ALA E 142 -27.35 -45.01 13.18
C ALA E 142 -26.99 -43.55 12.86
N THR E 143 -27.70 -42.93 11.90
CA THR E 143 -27.50 -41.53 11.46
C THR E 143 -28.64 -40.64 11.98
N LEU E 144 -28.31 -39.66 12.83
CA LEU E 144 -29.21 -38.57 13.29
C LEU E 144 -29.03 -37.36 12.36
N VAL E 145 -30.13 -36.74 11.93
CA VAL E 145 -30.13 -35.55 11.03
C VAL E 145 -30.77 -34.36 11.77
N CYS E 146 -29.96 -33.31 12.03
CA CYS E 146 -30.42 -32.01 12.57
C CYS E 146 -30.85 -31.12 11.38
N LEU E 147 -31.84 -30.25 11.61
CA LEU E 147 -32.45 -29.40 10.56
C LEU E 147 -32.85 -28.05 11.16
N ALA E 148 -32.04 -27.02 10.91
CA ALA E 148 -32.32 -25.60 11.24
C ALA E 148 -33.06 -24.97 10.06
N THR E 149 -34.16 -24.26 10.32
CA THR E 149 -35.10 -23.74 9.30
C THR E 149 -35.61 -22.35 9.69
N GLY E 150 -35.94 -21.52 8.70
CA GLY E 150 -36.63 -20.23 8.86
C GLY E 150 -35.83 -19.22 9.68
N PHE E 151 -34.52 -19.12 9.43
CA PHE E 151 -33.63 -18.13 10.10
C PHE E 151 -33.14 -17.12 9.06
N TYR E 152 -33.08 -15.85 9.45
CA TYR E 152 -32.54 -14.74 8.63
C TYR E 152 -31.93 -13.69 9.57
N PRO E 153 -30.73 -13.14 9.27
CA PRO E 153 -29.93 -13.54 8.11
C PRO E 153 -29.18 -14.86 8.35
N ASP E 154 -28.24 -15.22 7.48
CA ASP E 154 -27.39 -16.44 7.60
C ASP E 154 -26.32 -16.20 8.67
N HIS E 155 -26.75 -16.19 9.94
CA HIS E 155 -25.92 -15.92 11.14
C HIS E 155 -26.14 -17.06 12.15
N VAL E 156 -25.72 -18.28 11.81
CA VAL E 156 -25.95 -19.50 12.66
C VAL E 156 -24.66 -20.32 12.76
N GLU E 157 -24.45 -20.94 13.92
CA GLU E 157 -23.38 -21.93 14.20
C GLU E 157 -24.02 -23.20 14.77
N LEU E 158 -24.04 -24.28 13.99
CA LEU E 158 -24.59 -25.60 14.40
C LEU E 158 -23.48 -26.44 15.03
N SER E 159 -23.76 -27.07 16.16
CA SER E 159 -22.88 -28.05 16.86
C SER E 159 -23.73 -29.17 17.47
N TRP E 160 -23.13 -30.35 17.67
CA TRP E 160 -23.77 -31.55 18.27
C TRP E 160 -23.25 -31.72 19.71
N TRP E 161 -24.15 -32.11 20.63
CA TRP E 161 -23.82 -32.31 22.07
C TRP E 161 -24.28 -33.72 22.49
N VAL E 162 -23.31 -34.60 22.79
CA VAL E 162 -23.54 -36.01 23.21
C VAL E 162 -23.24 -36.11 24.71
N ASN E 163 -24.28 -36.37 25.52
CA ASN E 163 -24.19 -36.48 27.01
C ASN E 163 -23.56 -35.20 27.58
N GLY E 164 -23.86 -34.04 27.00
CA GLY E 164 -23.48 -32.71 27.52
C GLY E 164 -22.14 -32.22 27.02
N LYS E 165 -21.42 -33.00 26.20
CA LYS E 165 -20.10 -32.62 25.63
C LYS E 165 -20.24 -32.36 24.13
N GLU E 166 -19.67 -31.25 23.64
CA GLU E 166 -19.62 -30.92 22.20
C GLU E 166 -18.75 -31.97 21.50
N VAL E 167 -19.22 -32.48 20.34
CA VAL E 167 -18.53 -33.53 19.54
C VAL E 167 -17.98 -32.87 18.27
N HIS E 168 -16.89 -33.40 17.72
CA HIS E 168 -16.25 -32.93 16.47
C HIS E 168 -15.90 -34.12 15.56
N SER E 169 -16.57 -35.27 15.77
CA SER E 169 -16.30 -36.56 15.07
C SER E 169 -17.63 -37.26 14.75
N GLY E 170 -17.68 -37.96 13.61
CA GLY E 170 -18.89 -38.65 13.10
C GLY E 170 -19.97 -37.66 12.71
N VAL E 171 -19.57 -36.47 12.24
CA VAL E 171 -20.46 -35.30 12.00
C VAL E 171 -19.99 -34.55 10.75
N CYS E 172 -20.94 -34.12 9.91
CA CYS E 172 -20.71 -33.12 8.83
C CYS E 172 -21.96 -32.24 8.66
N THR E 173 -21.74 -30.92 8.63
CA THR E 173 -22.77 -29.86 8.42
C THR E 173 -22.59 -29.27 7.03
N ASP E 174 -23.69 -29.04 6.31
CA ASP E 174 -23.69 -28.48 4.93
C ASP E 174 -22.79 -27.25 4.90
N PRO E 175 -21.88 -27.10 3.91
CA PRO E 175 -21.03 -25.92 3.80
C PRO E 175 -21.83 -24.61 3.66
N GLN E 176 -22.86 -24.62 2.80
CA GLN E 176 -23.78 -23.47 2.56
C GLN E 176 -25.18 -23.87 3.05
N PRO E 177 -25.97 -22.92 3.61
CA PRO E 177 -27.38 -23.16 3.90
C PRO E 177 -28.22 -22.90 2.65
N LEU E 178 -29.47 -23.40 2.62
CA LEU E 178 -30.42 -23.25 1.49
C LEU E 178 -31.35 -22.06 1.74
N LYS E 179 -31.61 -21.27 0.71
CA LYS E 179 -32.73 -20.28 0.68
C LYS E 179 -34.03 -21.07 0.49
N GLU E 180 -34.92 -21.02 1.48
CA GLU E 180 -36.19 -21.81 1.52
C GLU E 180 -37.08 -21.43 0.31
N GLN E 181 -36.91 -20.22 -0.21
CA GLN E 181 -37.57 -19.71 -1.44
C GLN E 181 -36.58 -18.84 -2.22
N PRO E 182 -35.71 -19.44 -3.07
CA PRO E 182 -34.65 -18.69 -3.75
C PRO E 182 -35.15 -17.55 -4.65
N ALA E 183 -36.37 -17.67 -5.18
CA ALA E 183 -37.05 -16.65 -6.02
C ALA E 183 -37.14 -15.32 -5.27
N LEU E 184 -37.30 -15.37 -3.94
CA LEU E 184 -37.31 -14.19 -3.03
C LEU E 184 -35.87 -13.81 -2.68
N ASN E 185 -35.56 -12.52 -2.58
CA ASN E 185 -34.20 -11.99 -2.28
C ASN E 185 -34.00 -11.93 -0.75
N ASP E 186 -35.09 -11.77 0.01
CA ASP E 186 -35.08 -11.68 1.49
C ASP E 186 -35.23 -13.08 2.11
N SER E 187 -35.17 -14.13 1.28
CA SER E 187 -35.53 -15.53 1.64
C SER E 187 -34.88 -15.95 2.97
N ARG E 188 -35.69 -16.53 3.87
CA ARG E 188 -35.22 -17.21 5.10
C ARG E 188 -34.38 -18.42 4.68
N TYR E 189 -33.58 -18.97 5.61
CA TYR E 189 -32.58 -20.04 5.34
C TYR E 189 -32.94 -21.33 6.07
N ALA E 190 -32.50 -22.46 5.51
CA ALA E 190 -32.53 -23.81 6.13
C ALA E 190 -31.12 -24.41 6.04
N LEU E 191 -30.69 -25.12 7.10
CA LEU E 191 -29.37 -25.79 7.18
C LEU E 191 -29.54 -27.15 7.88
N SER E 192 -28.99 -28.21 7.29
CA SER E 192 -29.03 -29.60 7.82
C SER E 192 -27.61 -30.04 8.20
N SER E 193 -27.51 -30.92 9.21
CA SER E 193 -26.26 -31.52 9.73
C SER E 193 -26.52 -32.98 10.12
N ARG E 194 -25.50 -33.85 9.98
CA ARG E 194 -25.59 -35.31 10.23
C ARG E 194 -24.69 -35.70 11.40
N LEU E 195 -25.19 -36.57 12.28
CA LEU E 195 -24.42 -37.25 13.35
C LEU E 195 -24.61 -38.77 13.19
N ARG E 196 -23.55 -39.50 12.83
CA ARG E 196 -23.57 -40.97 12.66
C ARG E 196 -22.81 -41.63 13.80
N VAL E 197 -23.48 -42.53 14.55
CA VAL E 197 -22.89 -43.37 15.64
C VAL E 197 -23.18 -44.84 15.31
N SER E 198 -22.52 -45.75 16.02
CA SER E 198 -22.77 -47.22 15.94
C SER E 198 -24.18 -47.53 16.46
N ALA E 199 -24.86 -48.51 15.85
CA ALA E 199 -26.22 -48.95 16.23
C ALA E 199 -26.31 -49.14 17.74
N THR E 200 -25.29 -49.77 18.34
CA THR E 200 -25.22 -50.09 19.79
C THR E 200 -25.24 -48.80 20.62
N PHE E 201 -24.57 -47.73 20.15
CA PHE E 201 -24.49 -46.42 20.84
C PHE E 201 -25.87 -45.76 20.86
N TRP E 202 -26.60 -45.80 19.74
CA TRP E 202 -27.99 -45.31 19.61
C TRP E 202 -28.96 -46.22 20.37
N GLN E 203 -28.70 -47.53 20.39
CA GLN E 203 -29.54 -48.54 21.07
C GLN E 203 -29.40 -48.41 22.59
N ASP E 204 -28.32 -47.78 23.07
CA ASP E 204 -28.04 -47.52 24.51
C ASP E 204 -29.06 -46.52 25.04
N PRO E 205 -29.94 -46.91 26.00
CA PRO E 205 -31.03 -46.04 26.44
C PRO E 205 -30.63 -44.83 27.29
N ARG E 206 -29.36 -44.74 27.70
CA ARG E 206 -28.84 -43.69 28.61
C ARG E 206 -27.84 -42.80 27.86
N ASN E 207 -27.95 -42.74 26.53
CA ASN E 207 -27.16 -41.83 25.65
C ASN E 207 -28.07 -40.66 25.22
N HIS E 208 -27.62 -39.43 25.48
CA HIS E 208 -28.36 -38.15 25.20
C HIS E 208 -27.76 -37.48 23.97
N PHE E 209 -28.61 -37.16 22.98
CA PHE E 209 -28.22 -36.50 21.70
C PHE E 209 -28.99 -35.18 21.55
N ARG E 210 -28.27 -34.08 21.32
CA ARG E 210 -28.84 -32.73 21.10
C ARG E 210 -27.99 -32.00 20.05
N CYS E 211 -28.61 -31.51 18.97
CA CYS E 211 -28.00 -30.55 18.01
C CYS E 211 -28.41 -29.14 18.43
N GLN E 212 -27.42 -28.24 18.48
CA GLN E 212 -27.55 -26.86 19.03
C GLN E 212 -27.24 -25.86 17.92
N VAL E 213 -28.12 -24.87 17.71
CA VAL E 213 -27.94 -23.76 16.73
C VAL E 213 -27.83 -22.45 17.51
N GLN E 214 -26.63 -21.86 17.53
CA GLN E 214 -26.37 -20.49 18.04
C GLN E 214 -26.75 -19.50 16.94
N PHE E 215 -27.82 -18.74 17.14
CA PHE E 215 -28.31 -17.69 16.20
C PHE E 215 -27.78 -16.33 16.66
N TYR E 216 -27.30 -15.52 15.72
CA TYR E 216 -26.90 -14.10 15.92
C TYR E 216 -27.90 -13.21 15.20
N GLY E 217 -28.65 -12.41 15.95
CA GLY E 217 -29.69 -11.50 15.42
C GLY E 217 -29.52 -10.10 15.97
N LEU E 218 -30.57 -9.61 16.64
CA LEU E 218 -30.58 -8.24 17.19
C LEU E 218 -29.99 -8.26 18.60
N SER E 219 -29.43 -7.13 18.99
CA SER E 219 -28.80 -6.99 20.32
C SER E 219 -29.72 -6.17 21.22
N GLU E 220 -29.30 -5.98 22.47
CA GLU E 220 -30.09 -5.13 23.39
C GLU E 220 -30.00 -3.70 22.85
N ASN E 221 -31.09 -2.96 22.90
CA ASN E 221 -31.12 -1.59 22.33
C ASN E 221 -30.89 -1.70 20.83
N ASP E 222 -31.84 -2.39 20.21
CA ASP E 222 -32.10 -2.58 18.76
C ASP E 222 -33.62 -2.46 18.77
N GLU E 223 -34.15 -1.33 18.34
CA GLU E 223 -35.61 -1.06 18.41
C GLU E 223 -36.42 -2.24 17.88
N TRP E 224 -37.42 -2.69 18.65
CA TRP E 224 -38.34 -3.78 18.23
C TRP E 224 -39.77 -3.44 18.65
N THR E 225 -40.67 -3.38 17.67
CA THR E 225 -42.07 -2.88 17.84
C THR E 225 -43.09 -3.94 17.40
N GLN E 226 -42.65 -5.03 16.75
CA GLN E 226 -43.54 -5.96 16.00
C GLN E 226 -44.32 -6.85 16.97
N ASP E 227 -45.47 -7.38 16.52
CA ASP E 227 -46.33 -8.33 17.28
C ASP E 227 -45.70 -9.73 17.18
N ARG E 228 -44.47 -9.85 17.71
CA ARG E 228 -43.65 -11.09 17.66
C ARG E 228 -42.46 -10.88 18.59
N ALA E 229 -41.96 -11.94 19.23
CA ALA E 229 -40.79 -11.85 20.13
C ALA E 229 -39.57 -11.29 19.38
N LYS E 230 -38.83 -10.42 20.05
CA LYS E 230 -37.62 -9.81 19.46
C LYS E 230 -36.69 -10.92 18.97
N PRO E 231 -36.35 -10.99 17.68
CA PRO E 231 -35.46 -12.01 17.16
C PRO E 231 -34.02 -11.66 17.56
N VAL E 232 -33.67 -12.01 18.79
CA VAL E 232 -32.34 -11.67 19.35
C VAL E 232 -31.40 -12.86 19.25
N THR E 233 -30.12 -12.57 19.44
CA THR E 233 -29.06 -13.59 19.57
C THR E 233 -29.52 -14.61 20.63
N GLN E 234 -29.56 -15.90 20.27
CA GLN E 234 -30.11 -16.98 21.15
C GLN E 234 -29.66 -18.36 20.64
N ILE E 235 -29.62 -19.33 21.55
CA ILE E 235 -29.42 -20.78 21.25
C ILE E 235 -30.80 -21.44 21.12
N VAL E 236 -31.02 -22.16 20.01
CA VAL E 236 -32.24 -22.99 19.75
C VAL E 236 -31.75 -24.42 19.45
N SER E 237 -32.32 -25.42 20.13
CA SER E 237 -31.86 -26.84 20.09
C SER E 237 -33.06 -27.80 20.11
N ALA E 238 -32.90 -28.95 19.43
CA ALA E 238 -33.77 -30.14 19.50
C ALA E 238 -32.94 -31.30 20.02
N GLU E 239 -33.57 -32.22 20.77
CA GLU E 239 -32.88 -33.35 21.44
C GLU E 239 -33.67 -34.65 21.25
N ALA E 240 -33.04 -35.77 21.60
CA ALA E 240 -33.57 -37.15 21.48
C ALA E 240 -32.64 -38.10 22.25
N TRP E 241 -33.22 -38.93 23.13
CA TRP E 241 -32.49 -40.01 23.85
C TRP E 241 -32.30 -41.21 22.92
N GLY E 242 -31.17 -41.91 23.06
CA GLY E 242 -30.95 -43.24 22.46
C GLY E 242 -31.92 -44.25 23.05
N ARG E 243 -32.27 -45.29 22.28
CA ARG E 243 -33.23 -46.33 22.72
C ARG E 243 -33.02 -47.61 21.90
N ALA E 244 -33.01 -48.76 22.57
CA ALA E 244 -32.83 -50.08 21.94
C ALA E 244 -33.95 -50.34 20.93
#